data_8AUG
#
_entry.id   8AUG
#
_cell.length_a   84.070
_cell.length_b   157.630
_cell.length_c   57.340
_cell.angle_alpha   90.000
_cell.angle_beta   90.000
_cell.angle_gamma   90.000
#
_symmetry.space_group_name_H-M   'P 21 21 2'
#
loop_
_entity.id
_entity.type
_entity.pdbx_description
1 polymer 'NADH:flavin oxidoreductase'
2 non-polymer 'ethyl (2Z)-2-hydroxyimino-3-oxidanylidene-butanoate'
3 non-polymer 'FLAVIN MONONUCLEOTIDE'
4 water water
#
_entity_poly.entity_id   1
_entity_poly.type   'polypeptide(L)'
_entity_poly.pdbx_seq_one_letter_code
;MSALFEPYTLKDVTLRNRIAIPPMCQYMAEDGLINDWHQVHYASMARGGAGLLVVEATAVAPEGRITPGCAGIWSDAHAQ
AFVPVVQAIKAAGSVPGIQIAHAGRKASANRPWEGDDHIGADDARGWETIAPSAIAFGAHLPNVPRAMTLDDIARVKQDF
VDAARRARDAGFEWIELHFAHGFLGQSFFSEHSNKRTDAYGGSFDNRSRFLLETLAAVREVWPENLPLTARFGVLEYDGR
DEQTLEESIELARRFKAGGLDLLSVSVGFTIPETNIPWGPAFMGPIAERVRREAKLPVTSAWGFGTPQLAEAALQANQLD
LVSVGRAHLADPHWAYFAAKELGVEKASWTLPAPYAHWLERYRLEHHHHHH
;
_entity_poly.pdbx_strand_id   A,B
#
loop_
_chem_comp.id
_chem_comp.type
_chem_comp.name
_chem_comp.formula
FMN non-polymer 'FLAVIN MONONUCLEOTIDE' 'C17 H21 N4 O9 P'
L9I non-polymer 'ethyl (2Z)-2-hydroxyimino-3-oxidanylidene-butanoate' 'C6 H9 N O4'
#
# COMPACT_ATOMS: atom_id res chain seq x y z
N SER A 2 8.14 -23.72 -5.01
CA SER A 2 7.19 -23.58 -3.92
C SER A 2 5.76 -23.72 -4.46
N ALA A 3 4.95 -24.53 -3.79
CA ALA A 3 3.57 -24.72 -4.20
C ALA A 3 2.79 -23.41 -4.14
N LEU A 4 3.09 -22.57 -3.15
CA LEU A 4 2.38 -21.31 -2.99
C LEU A 4 2.54 -20.39 -4.19
N PHE A 5 3.61 -20.56 -4.96
CA PHE A 5 3.88 -19.70 -6.09
C PHE A 5 3.69 -20.39 -7.44
N GLU A 6 2.99 -21.51 -7.46
CA GLU A 6 2.54 -22.09 -8.71
C GLU A 6 1.26 -21.38 -9.18
N PRO A 7 1.13 -21.12 -10.48
CA PRO A 7 -0.11 -20.53 -10.99
C PRO A 7 -1.28 -21.50 -10.85
N TYR A 8 -2.48 -20.96 -10.99
CA TYR A 8 -3.71 -21.73 -10.88
C TYR A 8 -4.69 -21.28 -11.93
N THR A 9 -5.24 -22.22 -12.70
CA THR A 9 -6.21 -21.90 -13.74
C THR A 9 -7.56 -22.49 -13.40
N LEU A 10 -8.60 -21.66 -13.48
CA LEU A 10 -9.97 -22.08 -13.24
C LEU A 10 -10.83 -21.35 -14.24
N LYS A 11 -11.57 -22.09 -15.07
CA LYS A 11 -12.29 -21.51 -16.21
C LYS A 11 -11.26 -20.73 -17.04
N ASP A 12 -11.56 -19.51 -17.48
CA ASP A 12 -10.62 -18.74 -18.30
C ASP A 12 -9.64 -17.92 -17.49
N VAL A 13 -9.64 -18.04 -16.17
CA VAL A 13 -8.84 -17.16 -15.31
C VAL A 13 -7.60 -17.92 -14.87
N THR A 14 -6.44 -17.27 -14.96
CA THR A 14 -5.20 -17.82 -14.42
C THR A 14 -4.67 -16.87 -13.36
N LEU A 15 -4.48 -17.40 -12.15
CA LEU A 15 -3.88 -16.66 -11.05
C LEU A 15 -2.38 -16.92 -11.08
N ARG A 16 -1.58 -15.89 -10.81
CA ARG A 16 -0.13 -16.04 -10.91
C ARG A 16 0.47 -16.85 -9.77
N ASN A 17 -0.25 -17.02 -8.67
CA ASN A 17 0.20 -17.83 -7.54
C ASN A 17 -1.04 -18.31 -6.79
N ARG A 18 -0.83 -19.00 -5.67
CA ARG A 18 -1.92 -19.56 -4.89
C ARG A 18 -2.32 -18.69 -3.71
N ILE A 19 -1.85 -17.45 -3.67
CA ILE A 19 -2.18 -16.53 -2.58
C ILE A 19 -3.44 -15.75 -2.95
N ALA A 20 -4.50 -15.95 -2.19
CA ALA A 20 -5.73 -15.20 -2.35
C ALA A 20 -5.91 -14.26 -1.16
N ILE A 21 -6.33 -13.03 -1.44
CA ILE A 21 -6.73 -12.10 -0.39
C ILE A 21 -8.24 -12.26 -0.22
N PRO A 22 -8.72 -12.80 0.90
CA PRO A 22 -10.16 -13.02 1.08
C PRO A 22 -10.87 -11.70 1.29
N PRO A 23 -12.20 -11.69 1.15
CA PRO A 23 -12.96 -10.45 1.39
C PRO A 23 -12.76 -9.94 2.80
N MET A 24 -12.47 -8.64 2.92
CA MET A 24 -12.31 -8.01 4.21
C MET A 24 -12.98 -6.64 4.22
N CYS A 25 -14.14 -6.55 4.87
CA CYS A 25 -14.85 -5.29 5.02
C CYS A 25 -13.95 -4.21 5.60
N GLN A 26 -14.07 -3.01 5.01
CA GLN A 26 -13.30 -1.85 5.42
C GLN A 26 -14.12 -0.83 6.20
N TYR A 27 -15.45 -0.89 6.09
CA TYR A 27 -16.36 -0.01 6.83
C TYR A 27 -16.13 1.47 6.50
N MET A 28 -15.66 1.76 5.28
CA MET A 28 -15.31 3.12 4.90
C MET A 28 -16.16 3.66 3.77
N ALA A 29 -17.16 2.92 3.30
CA ALA A 29 -18.04 3.43 2.26
C ALA A 29 -19.10 4.34 2.87
N GLU A 30 -19.73 5.14 2.00
CA GLU A 30 -20.81 6.02 2.41
C GLU A 30 -22.00 5.77 1.50
N ASP A 31 -23.14 5.43 2.09
CA ASP A 31 -24.33 5.08 1.31
C ASP A 31 -24.01 4.01 0.27
N GLY A 32 -23.13 3.08 0.67
CA GLY A 32 -22.72 1.99 -0.20
C GLY A 32 -21.63 2.32 -1.20
N LEU A 33 -21.28 3.59 -1.37
CA LEU A 33 -20.32 3.98 -2.41
C LEU A 33 -18.90 3.92 -1.85
N ILE A 34 -18.03 3.20 -2.57
CA ILE A 34 -16.63 3.13 -2.17
C ILE A 34 -15.94 4.43 -2.59
N ASN A 35 -14.70 4.61 -2.15
CA ASN A 35 -14.03 5.90 -2.33
C ASN A 35 -12.52 5.68 -2.30
N ASP A 36 -11.78 6.76 -2.02
CA ASP A 36 -10.32 6.67 -2.09
C ASP A 36 -9.74 5.75 -1.02
N TRP A 37 -10.46 5.51 0.08
CA TRP A 37 -9.97 4.50 1.02
C TRP A 37 -9.77 3.19 0.29
N HIS A 38 -10.83 2.72 -0.37
CA HIS A 38 -10.80 1.43 -1.04
C HIS A 38 -9.86 1.42 -2.22
N GLN A 39 -9.82 2.52 -2.99
CA GLN A 39 -8.98 2.56 -4.18
C GLN A 39 -7.52 2.25 -3.83
N VAL A 40 -6.98 2.95 -2.84
CA VAL A 40 -5.59 2.74 -2.44
C VAL A 40 -5.43 1.39 -1.76
N HIS A 41 -6.34 1.07 -0.85
CA HIS A 41 -6.29 -0.19 -0.11
C HIS A 41 -6.16 -1.38 -1.05
N TYR A 42 -7.04 -1.47 -2.05
CA TYR A 42 -7.05 -2.63 -2.94
C TYR A 42 -5.89 -2.59 -3.93
N ALA A 43 -5.58 -1.41 -4.47
CA ALA A 43 -4.48 -1.34 -5.44
C ALA A 43 -3.16 -1.70 -4.79
N SER A 44 -2.91 -1.23 -3.56
CA SER A 44 -1.64 -1.53 -2.88
C SER A 44 -1.48 -3.02 -2.60
N MET A 45 -2.55 -3.68 -2.11
CA MET A 45 -2.47 -5.11 -1.87
C MET A 45 -2.26 -5.89 -3.16
N ALA A 46 -2.92 -5.47 -4.25
CA ALA A 46 -2.73 -6.16 -5.52
C ALA A 46 -1.30 -6.05 -6.00
N ARG A 47 -0.70 -4.86 -5.87
CA ARG A 47 0.71 -4.69 -6.23
C ARG A 47 1.62 -5.51 -5.33
N GLY A 48 1.16 -5.89 -4.13
CA GLY A 48 1.95 -6.71 -3.21
C GLY A 48 2.23 -8.11 -3.70
N GLY A 49 1.48 -8.60 -4.68
CA GLY A 49 1.80 -9.84 -5.35
C GLY A 49 0.75 -10.93 -5.30
N ALA A 50 -0.29 -10.81 -4.48
CA ALA A 50 -1.29 -11.86 -4.40
C ALA A 50 -1.92 -12.09 -5.78
N GLY A 51 -2.19 -13.37 -6.09
CA GLY A 51 -2.74 -13.70 -7.39
C GLY A 51 -4.21 -13.38 -7.55
N LEU A 52 -4.95 -13.35 -6.45
CA LEU A 52 -6.39 -13.10 -6.47
C LEU A 52 -6.72 -12.16 -5.33
N LEU A 53 -7.54 -11.15 -5.60
CA LEU A 53 -8.00 -10.24 -4.55
C LEU A 53 -9.52 -10.22 -4.60
N VAL A 54 -10.17 -10.80 -3.61
CA VAL A 54 -11.63 -10.77 -3.52
C VAL A 54 -12.04 -9.56 -2.71
N VAL A 55 -12.69 -8.60 -3.36
CA VAL A 55 -13.20 -7.42 -2.67
C VAL A 55 -14.22 -7.83 -1.59
N GLU A 56 -14.19 -7.08 -0.49
CA GLU A 56 -15.04 -7.22 0.69
C GLU A 56 -16.52 -7.44 0.40
N ALA A 57 -17.23 -8.03 1.38
CA ALA A 57 -18.68 -8.21 1.32
C ALA A 57 -19.35 -6.93 0.84
N THR A 58 -20.00 -7.03 -0.31
CA THR A 58 -20.64 -5.90 -0.96
C THR A 58 -22.14 -6.19 -1.05
N ALA A 59 -22.94 -5.33 -0.43
CA ALA A 59 -24.36 -5.63 -0.21
C ALA A 59 -25.16 -5.59 -1.50
N VAL A 60 -26.03 -6.59 -1.68
CA VAL A 60 -26.91 -6.62 -2.84
C VAL A 60 -28.12 -5.71 -2.69
N ALA A 61 -28.34 -5.17 -1.49
CA ALA A 61 -29.49 -4.32 -1.19
C ALA A 61 -29.13 -3.51 0.03
N PRO A 62 -29.70 -2.31 0.20
CA PRO A 62 -29.27 -1.46 1.33
C PRO A 62 -29.38 -2.13 2.69
N GLU A 63 -30.45 -2.89 2.94
CA GLU A 63 -30.63 -3.51 4.24
C GLU A 63 -29.72 -4.71 4.42
N GLY A 64 -29.02 -5.14 3.36
CA GLY A 64 -28.07 -6.23 3.43
C GLY A 64 -26.66 -5.82 3.79
N ARG A 65 -26.40 -4.52 3.93
CA ARG A 65 -25.12 -4.10 4.50
C ARG A 65 -25.03 -4.59 5.94
N ILE A 66 -23.80 -4.82 6.41
CA ILE A 66 -23.63 -5.05 7.83
C ILE A 66 -23.80 -3.76 8.60
N THR A 67 -23.14 -2.70 8.15
CA THR A 67 -23.00 -1.44 8.86
C THR A 67 -23.24 -0.28 7.92
N PRO A 68 -23.38 0.94 8.45
CA PRO A 68 -23.46 2.12 7.57
C PRO A 68 -22.19 2.37 6.77
N GLY A 69 -21.09 1.68 7.05
CA GLY A 69 -19.88 1.85 6.29
C GLY A 69 -19.67 0.79 5.22
N CYS A 70 -20.62 -0.09 5.01
CA CYS A 70 -20.41 -1.20 4.09
C CYS A 70 -20.64 -0.78 2.64
N ALA A 71 -19.85 -1.39 1.75
CA ALA A 71 -20.02 -1.20 0.32
C ALA A 71 -21.30 -1.86 -0.16
N GLY A 72 -21.83 -1.31 -1.25
CA GLY A 72 -23.01 -1.87 -1.89
C GLY A 72 -22.83 -1.90 -3.40
N ILE A 73 -23.67 -2.72 -4.04
CA ILE A 73 -23.68 -2.80 -5.49
C ILE A 73 -25.13 -2.91 -5.96
N TRP A 74 -26.03 -2.22 -5.26
CA TRP A 74 -27.46 -2.34 -5.51
C TRP A 74 -27.98 -1.37 -6.57
N SER A 75 -27.09 -0.60 -7.19
CA SER A 75 -27.48 0.28 -8.29
C SER A 75 -26.32 0.37 -9.26
N ASP A 76 -26.60 0.87 -10.46
CA ASP A 76 -25.54 1.00 -11.46
C ASP A 76 -24.46 1.98 -11.03
N ALA A 77 -24.83 3.06 -10.34
CA ALA A 77 -23.82 3.99 -9.84
C ALA A 77 -22.88 3.31 -8.84
N HIS A 78 -23.42 2.43 -7.99
CA HIS A 78 -22.56 1.68 -7.07
C HIS A 78 -21.58 0.80 -7.84
N ALA A 79 -22.05 0.12 -8.88
CA ALA A 79 -21.18 -0.74 -9.66
C ALA A 79 -20.10 0.06 -10.39
N GLN A 80 -20.47 1.21 -10.94
CA GLN A 80 -19.49 2.02 -11.65
C GLN A 80 -18.36 2.46 -10.71
N ALA A 81 -18.66 2.68 -9.43
CA ALA A 81 -17.62 3.07 -8.48
C ALA A 81 -16.55 1.99 -8.36
N PHE A 82 -16.89 0.73 -8.63
CA PHE A 82 -15.90 -0.33 -8.53
C PHE A 82 -14.98 -0.42 -9.75
N VAL A 83 -15.35 0.20 -10.87
CA VAL A 83 -14.53 0.07 -12.08
C VAL A 83 -13.06 0.43 -11.85
N PRO A 84 -12.72 1.56 -11.22
CA PRO A 84 -11.31 1.87 -11.00
C PRO A 84 -10.61 0.88 -10.07
N VAL A 85 -11.36 0.25 -9.16
CA VAL A 85 -10.75 -0.77 -8.30
C VAL A 85 -10.43 -2.03 -9.11
N VAL A 86 -11.42 -2.49 -9.88
CA VAL A 86 -11.22 -3.62 -10.78
C VAL A 86 -9.99 -3.38 -11.65
N GLN A 87 -9.91 -2.20 -12.26
CA GLN A 87 -8.86 -1.97 -13.23
C GLN A 87 -7.50 -1.83 -12.57
N ALA A 88 -7.44 -1.29 -11.35
CA ALA A 88 -6.17 -1.17 -10.64
C ALA A 88 -5.66 -2.53 -10.19
N ILE A 89 -6.56 -3.43 -9.80
CA ILE A 89 -6.15 -4.78 -9.43
C ILE A 89 -5.58 -5.50 -10.66
N LYS A 90 -6.28 -5.40 -11.79
CA LYS A 90 -5.79 -5.97 -13.04
C LYS A 90 -4.46 -5.35 -13.46
N ALA A 91 -4.33 -4.03 -13.35
CA ALA A 91 -3.09 -3.39 -13.77
C ALA A 91 -1.90 -3.90 -12.98
N ALA A 92 -2.14 -4.32 -11.74
CA ALA A 92 -1.12 -4.87 -10.87
C ALA A 92 -0.79 -6.34 -11.19
N GLY A 93 -1.50 -6.96 -12.13
CA GLY A 93 -1.27 -8.35 -12.44
C GLY A 93 -2.04 -9.33 -11.57
N SER A 94 -2.89 -8.85 -10.69
CA SER A 94 -3.73 -9.70 -9.87
C SER A 94 -5.09 -9.87 -10.56
N VAL A 95 -5.92 -10.75 -10.02
CA VAL A 95 -7.24 -11.00 -10.58
C VAL A 95 -8.28 -10.40 -9.65
N PRO A 96 -9.18 -9.55 -10.14
CA PRO A 96 -10.19 -8.93 -9.29
C PRO A 96 -11.42 -9.81 -9.12
N GLY A 97 -11.75 -10.12 -7.86
CA GLY A 97 -13.00 -10.77 -7.53
C GLY A 97 -13.81 -9.90 -6.59
N ILE A 98 -15.06 -10.31 -6.37
CA ILE A 98 -15.91 -9.60 -5.43
C ILE A 98 -16.81 -10.61 -4.73
N GLN A 99 -17.02 -10.39 -3.44
CA GLN A 99 -18.00 -11.13 -2.65
C GLN A 99 -19.27 -10.31 -2.56
N ILE A 100 -20.38 -10.87 -3.07
CA ILE A 100 -21.67 -10.19 -2.95
C ILE A 100 -22.47 -10.85 -1.83
N ALA A 101 -23.21 -10.02 -1.08
CA ALA A 101 -23.54 -10.38 0.29
C ALA A 101 -24.90 -9.82 0.70
N HIS A 102 -25.45 -10.43 1.75
CA HIS A 102 -26.63 -9.89 2.43
C HIS A 102 -26.53 -10.28 3.90
N ALA A 103 -26.38 -9.29 4.77
CA ALA A 103 -26.06 -9.55 6.16
C ALA A 103 -27.22 -10.15 6.98
N GLY A 104 -28.44 -10.19 6.45
CA GLY A 104 -29.49 -10.86 7.20
C GLY A 104 -29.70 -10.26 8.58
N ARG A 105 -29.83 -11.12 9.59
CA ARG A 105 -30.13 -10.63 10.93
C ARG A 105 -28.95 -9.90 11.57
N LYS A 106 -27.75 -10.05 11.04
N LYS A 106 -27.75 -10.05 11.02
CA LYS A 106 -26.57 -9.37 11.57
CA LYS A 106 -26.57 -9.38 11.55
C LYS A 106 -26.40 -7.97 10.98
C LYS A 106 -26.40 -7.97 10.99
N ALA A 107 -27.36 -7.50 10.18
CA ALA A 107 -27.29 -6.19 9.57
C ALA A 107 -27.65 -5.09 10.58
N SER A 108 -27.50 -3.83 10.14
CA SER A 108 -27.81 -2.65 10.95
C SER A 108 -26.98 -2.64 12.23
N ALA A 109 -25.67 -2.87 12.08
CA ALA A 109 -24.74 -2.90 13.20
C ALA A 109 -23.73 -1.75 13.09
N ASN A 110 -23.15 -1.41 14.23
CA ASN A 110 -22.09 -0.42 14.27
C ASN A 110 -20.79 -0.98 13.69
N ARG A 111 -19.93 -0.07 13.23
N ARG A 111 -19.93 -0.07 13.24
CA ARG A 111 -18.60 -0.48 12.84
CA ARG A 111 -18.59 -0.47 12.83
C ARG A 111 -17.91 -1.16 14.02
C ARG A 111 -17.86 -1.10 14.01
N PRO A 112 -16.96 -2.05 13.77
CA PRO A 112 -16.35 -2.80 14.89
C PRO A 112 -15.65 -1.94 15.92
N TRP A 113 -15.02 -0.84 15.50
CA TRP A 113 -14.38 0.08 16.44
C TRP A 113 -15.32 1.16 16.97
N GLU A 114 -16.62 1.06 16.64
CA GLU A 114 -17.65 1.97 17.15
C GLU A 114 -18.73 1.20 17.91
N GLY A 115 -18.33 0.11 18.57
CA GLY A 115 -19.20 -0.67 19.44
C GLY A 115 -19.48 -2.07 18.94
N ASP A 116 -19.45 -2.29 17.63
CA ASP A 116 -19.62 -3.60 17.00
C ASP A 116 -21.00 -4.21 17.23
N ASP A 117 -21.93 -3.45 17.81
CA ASP A 117 -23.22 -3.97 18.25
C ASP A 117 -24.34 -3.44 17.36
N HIS A 118 -25.52 -4.03 17.53
CA HIS A 118 -26.67 -3.53 16.78
C HIS A 118 -26.92 -2.05 17.07
N ILE A 119 -27.23 -1.31 16.02
CA ILE A 119 -27.49 0.12 16.16
C ILE A 119 -28.74 0.32 17.00
N GLY A 120 -28.67 1.28 17.92
CA GLY A 120 -29.79 1.51 18.83
C GLY A 120 -30.99 2.07 18.12
N ALA A 121 -32.17 1.79 18.67
CA ALA A 121 -33.43 2.16 18.03
C ALA A 121 -33.60 3.66 17.87
N ASP A 122 -32.93 4.45 18.70
CA ASP A 122 -33.00 5.91 18.63
C ASP A 122 -31.96 6.50 17.68
N ASP A 123 -31.07 5.67 17.14
CA ASP A 123 -30.00 6.12 16.25
C ASP A 123 -30.55 6.14 14.82
N ALA A 124 -30.46 7.29 14.17
CA ALA A 124 -31.04 7.50 12.85
C ALA A 124 -30.35 6.72 11.75
N ARG A 125 -29.27 6.02 12.03
CA ARG A 125 -28.57 5.27 10.99
C ARG A 125 -29.13 3.86 10.80
N GLY A 126 -29.96 3.39 11.74
CA GLY A 126 -30.39 2.01 11.71
C GLY A 126 -31.50 1.71 10.71
N TRP A 127 -31.73 0.42 10.49
CA TRP A 127 -32.74 -0.02 9.55
C TRP A 127 -33.28 -1.39 9.97
N GLU A 128 -34.44 -1.74 9.41
CA GLU A 128 -35.07 -3.02 9.70
C GLU A 128 -34.29 -4.15 9.03
N THR A 129 -34.01 -5.20 9.79
CA THR A 129 -33.31 -6.36 9.29
C THR A 129 -34.29 -7.46 8.92
N ILE A 130 -33.84 -8.36 8.03
CA ILE A 130 -34.64 -9.48 7.57
C ILE A 130 -33.85 -10.77 7.74
N ALA A 131 -34.58 -11.89 7.83
CA ALA A 131 -33.97 -13.18 8.12
C ALA A 131 -34.99 -14.27 7.81
N PRO A 132 -34.57 -15.53 7.76
CA PRO A 132 -35.56 -16.62 7.58
C PRO A 132 -36.64 -16.64 8.64
N SER A 133 -36.28 -16.37 9.90
CA SER A 133 -37.21 -16.44 11.02
C SER A 133 -36.95 -15.28 11.96
N ALA A 134 -37.99 -14.86 12.67
CA ALA A 134 -37.92 -13.73 13.60
C ALA A 134 -37.26 -14.18 14.90
N ILE A 135 -35.96 -14.41 14.82
CA ILE A 135 -35.15 -14.87 15.94
C ILE A 135 -33.85 -14.09 15.93
N ALA A 136 -33.48 -13.53 17.08
CA ALA A 136 -32.27 -12.73 17.18
C ALA A 136 -31.04 -13.61 17.34
N PHE A 137 -29.92 -13.13 16.81
CA PHE A 137 -28.62 -13.74 17.08
C PHE A 137 -28.35 -13.79 18.58
N GLY A 138 -28.68 -12.72 19.29
CA GLY A 138 -28.38 -12.61 20.71
C GLY A 138 -27.11 -11.82 20.94
N ALA A 139 -26.65 -11.87 22.19
CA ALA A 139 -25.37 -11.25 22.59
C ALA A 139 -25.37 -9.79 22.14
N HIS A 140 -24.34 -9.32 21.43
CA HIS A 140 -24.24 -7.93 21.00
C HIS A 140 -25.14 -7.61 19.80
N LEU A 141 -25.88 -8.59 19.28
CA LEU A 141 -26.77 -8.41 18.15
C LEU A 141 -28.19 -8.83 18.56
N PRO A 142 -28.82 -8.09 19.46
CA PRO A 142 -30.12 -8.52 19.99
C PRO A 142 -31.33 -8.19 19.13
N ASN A 143 -31.20 -7.39 18.07
CA ASN A 143 -32.37 -6.97 17.32
C ASN A 143 -33.05 -8.17 16.65
N VAL A 144 -34.35 -8.26 16.82
CA VAL A 144 -35.10 -9.37 16.21
C VAL A 144 -35.40 -9.02 14.76
N PRO A 145 -35.02 -9.85 13.80
CA PRO A 145 -35.29 -9.54 12.40
C PRO A 145 -36.74 -9.84 12.05
N ARG A 146 -37.16 -9.25 10.93
CA ARG A 146 -38.44 -9.58 10.32
C ARG A 146 -38.30 -10.88 9.55
N ALA A 147 -39.25 -11.81 9.74
CA ALA A 147 -39.24 -13.05 8.99
C ALA A 147 -39.62 -12.80 7.54
N MET A 148 -38.82 -13.32 6.61
CA MET A 148 -39.03 -13.05 5.20
C MET A 148 -40.27 -13.76 4.69
N THR A 149 -40.99 -13.10 3.79
CA THR A 149 -42.07 -13.73 3.07
C THR A 149 -41.52 -14.38 1.80
N LEU A 150 -42.36 -15.14 1.11
CA LEU A 150 -41.96 -15.67 -0.19
C LEU A 150 -41.61 -14.54 -1.16
N ASP A 151 -42.32 -13.42 -1.07
CA ASP A 151 -41.99 -12.28 -1.91
C ASP A 151 -40.60 -11.74 -1.60
N ASP A 152 -40.25 -11.66 -0.31
CA ASP A 152 -38.91 -11.24 0.07
C ASP A 152 -37.87 -12.19 -0.50
N ILE A 153 -38.13 -13.49 -0.43
CA ILE A 153 -37.17 -14.46 -0.96
C ILE A 153 -36.94 -14.25 -2.44
N ALA A 154 -38.04 -14.06 -3.20
CA ALA A 154 -37.91 -13.80 -4.63
C ALA A 154 -37.12 -12.53 -4.87
N ARG A 155 -37.38 -11.48 -4.08
CA ARG A 155 -36.72 -10.20 -4.28
C ARG A 155 -35.23 -10.29 -3.97
N VAL A 156 -34.88 -10.90 -2.84
CA VAL A 156 -33.46 -10.99 -2.49
C VAL A 156 -32.70 -11.82 -3.51
N LYS A 157 -33.29 -12.91 -4.00
CA LYS A 157 -32.65 -13.67 -5.06
C LYS A 157 -32.38 -12.79 -6.28
N GLN A 158 -33.38 -12.00 -6.70
CA GLN A 158 -33.19 -11.12 -7.83
C GLN A 158 -32.11 -10.07 -7.56
N ASP A 159 -32.01 -9.60 -6.31
CA ASP A 159 -30.96 -8.66 -5.95
C ASP A 159 -29.58 -9.28 -6.14
N PHE A 160 -29.41 -10.56 -5.75
CA PHE A 160 -28.15 -11.25 -6.01
C PHE A 160 -27.88 -11.36 -7.50
N VAL A 161 -28.91 -11.67 -8.30
CA VAL A 161 -28.74 -11.73 -9.75
C VAL A 161 -28.29 -10.38 -10.29
N ASP A 162 -29.01 -9.32 -9.93
CA ASP A 162 -28.68 -7.99 -10.42
C ASP A 162 -27.27 -7.61 -10.01
N ALA A 163 -26.88 -7.93 -8.78
CA ALA A 163 -25.53 -7.63 -8.31
C ALA A 163 -24.48 -8.38 -9.12
N ALA A 164 -24.75 -9.65 -9.44
CA ALA A 164 -23.80 -10.42 -10.26
C ALA A 164 -23.67 -9.82 -11.65
N ARG A 165 -24.78 -9.37 -12.24
N ARG A 165 -24.79 -9.39 -12.25
CA ARG A 165 -24.70 -8.76 -13.56
CA ARG A 165 -24.72 -8.75 -13.55
C ARG A 165 -23.94 -7.45 -13.52
C ARG A 165 -23.91 -7.46 -13.50
N ARG A 166 -24.14 -6.65 -12.46
CA ARG A 166 -23.37 -5.43 -12.30
C ARG A 166 -21.88 -5.72 -12.09
N ALA A 167 -21.57 -6.74 -11.28
CA ALA A 167 -20.17 -7.09 -11.06
C ALA A 167 -19.51 -7.52 -12.36
N ARG A 168 -20.22 -8.31 -13.17
CA ARG A 168 -19.70 -8.70 -14.48
C ARG A 168 -19.36 -7.47 -15.31
N ASP A 169 -20.29 -6.52 -15.39
CA ASP A 169 -20.07 -5.37 -16.25
C ASP A 169 -19.01 -4.43 -15.70
N ALA A 170 -18.80 -4.44 -14.38
CA ALA A 170 -17.72 -3.65 -13.82
C ALA A 170 -16.34 -4.24 -14.14
N GLY A 171 -16.30 -5.50 -14.58
CA GLY A 171 -15.07 -6.13 -14.96
C GLY A 171 -14.51 -7.15 -13.99
N PHE A 172 -15.23 -7.46 -12.91
CA PHE A 172 -14.76 -8.51 -12.02
C PHE A 172 -14.68 -9.83 -12.78
N GLU A 173 -13.65 -10.61 -12.47
CA GLU A 173 -13.35 -11.85 -13.17
C GLU A 173 -13.62 -13.07 -12.32
N TRP A 174 -14.23 -12.88 -11.15
CA TRP A 174 -14.34 -13.91 -10.13
C TRP A 174 -15.42 -13.40 -9.18
N ILE A 175 -16.41 -14.24 -8.89
CA ILE A 175 -17.47 -13.83 -7.98
C ILE A 175 -17.58 -14.84 -6.87
N GLU A 176 -17.91 -14.35 -5.67
CA GLU A 176 -18.11 -15.20 -4.50
C GLU A 176 -19.44 -14.84 -3.85
N LEU A 177 -20.35 -15.80 -3.75
CA LEU A 177 -21.61 -15.58 -3.06
C LEU A 177 -21.39 -15.79 -1.57
N HIS A 178 -21.80 -14.82 -0.76
CA HIS A 178 -21.52 -14.88 0.68
C HIS A 178 -22.61 -15.67 1.38
N PHE A 179 -22.43 -16.99 1.45
CA PHE A 179 -23.34 -17.88 2.17
C PHE A 179 -22.79 -18.30 3.53
N ALA A 180 -21.90 -17.52 4.12
CA ALA A 180 -21.24 -17.92 5.37
C ALA A 180 -21.47 -16.90 6.47
N HIS A 181 -20.95 -17.22 7.65
CA HIS A 181 -20.68 -16.26 8.72
C HIS A 181 -21.95 -15.71 9.37
N GLY A 182 -23.03 -16.49 9.34
CA GLY A 182 -24.24 -16.13 10.05
C GLY A 182 -25.10 -15.10 9.36
N PHE A 183 -24.70 -14.67 8.17
CA PHE A 183 -25.47 -13.73 7.38
C PHE A 183 -26.64 -14.47 6.72
N LEU A 184 -27.29 -13.84 5.75
CA LEU A 184 -28.60 -14.34 5.32
C LEU A 184 -28.53 -15.78 4.81
N GLY A 185 -27.63 -16.05 3.86
CA GLY A 185 -27.53 -17.40 3.30
C GLY A 185 -27.24 -18.46 4.35
N GLN A 186 -26.21 -18.22 5.19
CA GLN A 186 -25.90 -19.19 6.24
C GLN A 186 -27.12 -19.42 7.14
N SER A 187 -27.87 -18.36 7.43
CA SER A 187 -28.97 -18.47 8.38
C SER A 187 -30.15 -19.24 7.81
N PHE A 188 -30.31 -19.26 6.48
CA PHE A 188 -31.29 -20.17 5.89
C PHE A 188 -30.86 -21.63 6.07
N PHE A 189 -29.56 -21.91 5.99
CA PHE A 189 -29.13 -23.30 6.09
C PHE A 189 -29.24 -23.84 7.51
N SER A 190 -28.91 -23.03 8.51
CA SER A 190 -28.79 -23.52 9.87
C SER A 190 -30.14 -23.67 10.56
N GLU A 191 -30.34 -24.83 11.21
CA GLU A 191 -31.53 -25.03 12.01
C GLU A 191 -31.59 -24.11 13.23
N HIS A 192 -30.45 -23.52 13.63
CA HIS A 192 -30.47 -22.59 14.76
C HIS A 192 -31.30 -21.36 14.45
N SER A 193 -31.24 -20.89 13.21
CA SER A 193 -31.83 -19.63 12.80
C SER A 193 -33.04 -19.79 11.89
N ASN A 194 -33.18 -20.95 11.26
CA ASN A 194 -34.27 -21.20 10.32
C ASN A 194 -35.30 -22.09 11.00
N LYS A 195 -36.43 -21.49 11.40
CA LYS A 195 -37.56 -22.24 11.96
C LYS A 195 -38.75 -22.23 11.01
N ARG A 196 -38.52 -21.98 9.73
CA ARG A 196 -39.63 -21.86 8.79
C ARG A 196 -40.37 -23.18 8.62
N THR A 197 -41.65 -23.06 8.29
CA THR A 197 -42.53 -24.20 8.06
C THR A 197 -42.96 -24.32 6.60
N ASP A 198 -42.39 -23.53 5.71
CA ASP A 198 -42.70 -23.57 4.29
C ASP A 198 -41.59 -24.31 3.54
N ALA A 199 -41.53 -24.10 2.22
CA ALA A 199 -40.56 -24.79 1.37
C ALA A 199 -39.11 -24.43 1.69
N TYR A 200 -38.88 -23.40 2.51
CA TYR A 200 -37.53 -22.91 2.77
C TYR A 200 -37.02 -23.24 4.17
N GLY A 201 -37.71 -24.11 4.91
CA GLY A 201 -37.22 -24.53 6.21
C GLY A 201 -37.70 -25.93 6.53
N GLY A 202 -37.10 -26.49 7.58
CA GLY A 202 -37.41 -27.85 7.99
C GLY A 202 -36.36 -28.82 7.49
N SER A 203 -36.65 -29.48 6.37
CA SER A 203 -35.79 -30.54 5.88
C SER A 203 -34.47 -29.96 5.36
N PHE A 204 -33.51 -30.87 5.12
CA PHE A 204 -32.26 -30.48 4.49
C PHE A 204 -32.50 -29.86 3.12
N ASP A 205 -33.34 -30.49 2.30
CA ASP A 205 -33.66 -29.92 0.99
C ASP A 205 -34.24 -28.52 1.12
N ASN A 206 -35.11 -28.32 2.11
CA ASN A 206 -35.76 -27.02 2.27
C ASN A 206 -34.77 -25.98 2.75
N ARG A 207 -33.93 -26.31 3.74
CA ARG A 207 -32.95 -25.36 4.25
C ARG A 207 -31.91 -25.02 3.19
N SER A 208 -31.58 -25.96 2.30
CA SER A 208 -30.64 -25.71 1.22
C SER A 208 -31.25 -24.87 0.12
N ARG A 209 -32.58 -24.78 0.06
CA ARG A 209 -33.27 -24.27 -1.13
C ARG A 209 -32.89 -22.82 -1.46
N PHE A 210 -32.86 -21.95 -0.45
CA PHE A 210 -32.53 -20.54 -0.73
C PHE A 210 -31.13 -20.43 -1.34
N LEU A 211 -30.19 -21.21 -0.81
CA LEU A 211 -28.82 -21.15 -1.30
C LEU A 211 -28.73 -21.72 -2.72
N LEU A 212 -29.36 -22.88 -2.96
CA LEU A 212 -29.31 -23.46 -4.29
C LEU A 212 -30.06 -22.60 -5.31
N GLU A 213 -31.19 -22.03 -4.93
CA GLU A 213 -31.93 -21.21 -5.89
C GLU A 213 -31.18 -19.91 -6.19
N THR A 214 -30.51 -19.34 -5.19
CA THR A 214 -29.74 -18.12 -5.45
C THR A 214 -28.56 -18.43 -6.35
N LEU A 215 -27.84 -19.53 -6.06
CA LEU A 215 -26.76 -19.94 -6.95
C LEU A 215 -27.26 -20.14 -8.37
N ALA A 216 -28.39 -20.83 -8.54
CA ALA A 216 -28.89 -21.11 -9.89
C ALA A 216 -29.31 -19.84 -10.61
N ALA A 217 -29.90 -18.90 -9.87
CA ALA A 217 -30.31 -17.65 -10.49
C ALA A 217 -29.10 -16.81 -10.90
N VAL A 218 -28.06 -16.77 -10.07
CA VAL A 218 -26.84 -16.07 -10.42
C VAL A 218 -26.15 -16.74 -11.60
N ARG A 219 -26.19 -18.07 -11.66
N ARG A 219 -26.16 -18.08 -11.62
CA ARG A 219 -25.52 -18.78 -12.75
CA ARG A 219 -25.54 -18.87 -12.68
C ARG A 219 -26.05 -18.35 -14.11
C ARG A 219 -26.08 -18.52 -14.06
N GLU A 220 -27.33 -17.97 -14.19
N GLU A 220 -27.30 -17.97 -14.13
CA GLU A 220 -27.92 -17.59 -15.48
CA GLU A 220 -27.87 -17.61 -15.42
C GLU A 220 -27.37 -16.28 -16.03
C GLU A 220 -27.18 -16.39 -16.03
N VAL A 221 -26.78 -15.44 -15.20
CA VAL A 221 -26.22 -14.17 -15.67
C VAL A 221 -24.70 -14.09 -15.53
N TRP A 222 -24.09 -14.90 -14.69
CA TRP A 222 -22.64 -14.84 -14.54
C TRP A 222 -21.99 -15.67 -15.64
N PRO A 223 -20.96 -15.15 -16.31
CA PRO A 223 -20.40 -15.87 -17.47
C PRO A 223 -19.90 -17.26 -17.11
N GLU A 224 -20.18 -18.23 -17.99
CA GLU A 224 -19.72 -19.60 -17.78
C GLU A 224 -18.20 -19.69 -17.73
N ASN A 225 -17.48 -18.75 -18.35
CA ASN A 225 -16.03 -18.81 -18.46
C ASN A 225 -15.30 -18.08 -17.33
N LEU A 226 -16.02 -17.55 -16.34
CA LEU A 226 -15.39 -16.93 -15.18
C LEU A 226 -15.77 -17.69 -13.92
N PRO A 227 -14.83 -17.92 -13.00
CA PRO A 227 -15.14 -18.68 -11.78
C PRO A 227 -16.34 -18.15 -11.02
N LEU A 228 -17.27 -19.08 -10.72
CA LEU A 228 -18.45 -18.86 -9.90
C LEU A 228 -18.20 -19.59 -8.59
N THR A 229 -18.05 -18.85 -7.49
CA THR A 229 -17.69 -19.44 -6.21
C THR A 229 -18.64 -18.98 -5.13
N ALA A 230 -18.50 -19.58 -3.95
CA ALA A 230 -19.30 -19.22 -2.78
C ALA A 230 -18.46 -19.46 -1.54
N ARG A 231 -18.79 -18.74 -0.47
CA ARG A 231 -18.23 -18.98 0.85
C ARG A 231 -19.33 -19.57 1.71
N PHE A 232 -19.02 -20.61 2.48
CA PHE A 232 -20.05 -21.31 3.22
C PHE A 232 -19.41 -21.85 4.50
N GLY A 233 -20.09 -21.63 5.62
CA GLY A 233 -19.63 -22.17 6.88
C GLY A 233 -20.09 -23.60 7.03
N VAL A 234 -19.13 -24.54 7.07
CA VAL A 234 -19.46 -25.96 7.01
C VAL A 234 -19.67 -26.60 8.37
N LEU A 235 -19.32 -25.92 9.46
CA LEU A 235 -19.63 -26.39 10.80
C LEU A 235 -19.68 -25.19 11.73
N GLU A 236 -20.27 -25.38 12.91
CA GLU A 236 -20.48 -24.30 13.85
C GLU A 236 -19.67 -24.41 15.13
N TYR A 237 -19.09 -25.59 15.42
CA TYR A 237 -18.49 -25.86 16.72
C TYR A 237 -19.50 -25.67 17.84
N ASP A 238 -20.68 -26.27 17.62
CA ASP A 238 -21.84 -26.14 18.49
C ASP A 238 -22.26 -27.47 19.09
N GLY A 239 -21.36 -28.45 19.13
CA GLY A 239 -21.71 -29.78 19.59
C GLY A 239 -22.42 -30.64 18.57
N ARG A 240 -22.65 -30.13 17.36
CA ARG A 240 -23.33 -30.86 16.30
C ARG A 240 -22.44 -31.01 15.08
N ASP A 241 -21.12 -31.11 15.28
CA ASP A 241 -20.18 -30.91 14.18
C ASP A 241 -20.21 -32.04 13.16
N GLU A 242 -20.33 -33.29 13.61
CA GLU A 242 -20.29 -34.39 12.67
C GLU A 242 -21.49 -34.36 11.73
N GLN A 243 -22.69 -34.22 12.30
N GLN A 243 -22.70 -34.22 12.29
CA GLN A 243 -23.90 -34.14 11.50
CA GLN A 243 -23.88 -34.17 11.43
C GLN A 243 -23.89 -32.91 10.60
C GLN A 243 -23.88 -32.90 10.57
N THR A 244 -23.45 -31.77 11.13
CA THR A 244 -23.46 -30.53 10.36
C THR A 244 -22.46 -30.58 9.22
N LEU A 245 -21.26 -31.10 9.48
CA LEU A 245 -20.26 -31.20 8.41
C LEU A 245 -20.73 -32.15 7.32
N GLU A 246 -21.39 -33.25 7.69
CA GLU A 246 -21.91 -34.17 6.69
C GLU A 246 -22.96 -33.48 5.83
N GLU A 247 -23.87 -32.74 6.45
CA GLU A 247 -24.87 -32.01 5.67
C GLU A 247 -24.22 -30.94 4.80
N SER A 248 -23.25 -30.23 5.36
CA SER A 248 -22.59 -29.16 4.61
C SER A 248 -21.86 -29.71 3.39
N ILE A 249 -21.22 -30.88 3.55
CA ILE A 249 -20.51 -31.49 2.43
C ILE A 249 -21.49 -31.94 1.35
N GLU A 250 -22.64 -32.47 1.76
CA GLU A 250 -23.67 -32.79 0.79
C GLU A 250 -24.14 -31.56 0.04
N LEU A 251 -24.32 -30.43 0.74
CA LEU A 251 -24.68 -29.20 0.05
C LEU A 251 -23.59 -28.81 -0.95
N ALA A 252 -22.32 -28.98 -0.56
CA ALA A 252 -21.23 -28.70 -1.48
C ALA A 252 -21.33 -29.57 -2.74
N ARG A 253 -21.73 -30.84 -2.60
CA ARG A 253 -21.94 -31.66 -3.79
C ARG A 253 -23.03 -31.07 -4.67
N ARG A 254 -24.10 -30.56 -4.06
N ARG A 254 -24.09 -30.55 -4.05
CA ARG A 254 -25.16 -29.95 -4.85
CA ARG A 254 -25.18 -29.95 -4.80
C ARG A 254 -24.75 -28.61 -5.45
C ARG A 254 -24.74 -28.63 -5.43
N PHE A 255 -23.90 -27.85 -4.75
CA PHE A 255 -23.33 -26.65 -5.38
C PHE A 255 -22.53 -27.03 -6.61
N LYS A 256 -21.71 -28.08 -6.52
CA LYS A 256 -20.93 -28.52 -7.68
C LYS A 256 -21.87 -28.92 -8.83
N ALA A 257 -22.91 -29.69 -8.53
CA ALA A 257 -23.88 -30.05 -9.56
C ALA A 257 -24.57 -28.83 -10.16
N GLY A 258 -24.63 -27.72 -9.41
CA GLY A 258 -25.18 -26.46 -9.84
C GLY A 258 -24.18 -25.50 -10.47
N GLY A 259 -22.99 -25.97 -10.81
CA GLY A 259 -22.04 -25.16 -11.53
C GLY A 259 -21.04 -24.38 -10.71
N LEU A 260 -20.96 -24.63 -9.40
CA LEU A 260 -19.97 -23.94 -8.59
C LEU A 260 -18.59 -24.44 -8.93
N ASP A 261 -17.64 -23.52 -9.09
CA ASP A 261 -16.29 -23.84 -9.51
C ASP A 261 -15.31 -24.04 -8.35
N LEU A 262 -15.58 -23.40 -7.20
CA LEU A 262 -14.68 -23.46 -6.06
C LEU A 262 -15.47 -23.04 -4.83
N LEU A 263 -15.18 -23.68 -3.69
CA LEU A 263 -15.85 -23.35 -2.43
C LEU A 263 -14.84 -22.77 -1.45
N SER A 264 -15.16 -21.60 -0.90
CA SER A 264 -14.39 -21.04 0.20
C SER A 264 -14.99 -21.59 1.49
N VAL A 265 -14.22 -22.46 2.15
CA VAL A 265 -14.71 -23.24 3.29
C VAL A 265 -14.46 -22.45 4.56
N SER A 266 -15.51 -22.23 5.35
CA SER A 266 -15.38 -21.41 6.54
C SER A 266 -16.16 -22.04 7.70
N VAL A 267 -16.34 -21.23 8.75
CA VAL A 267 -17.13 -21.56 9.93
C VAL A 267 -18.46 -20.81 9.83
N GLY A 268 -19.51 -21.37 10.43
CA GLY A 268 -20.84 -20.79 10.27
C GLY A 268 -21.02 -19.47 11.00
N PHE A 269 -20.56 -19.37 12.25
CA PHE A 269 -20.79 -18.20 13.09
C PHE A 269 -22.28 -17.84 13.17
N THR A 270 -23.17 -18.84 13.12
CA THR A 270 -24.59 -18.54 13.06
C THR A 270 -25.14 -18.07 14.39
N ILE A 271 -24.61 -18.59 15.49
CA ILE A 271 -25.05 -18.25 16.84
C ILE A 271 -23.81 -17.98 17.68
N PRO A 272 -23.96 -17.27 18.81
CA PRO A 272 -22.79 -17.01 19.65
C PRO A 272 -22.40 -18.16 20.58
N GLU A 273 -23.28 -19.14 20.81
CA GLU A 273 -23.03 -20.17 21.82
C GLU A 273 -22.23 -21.32 21.20
N THR A 274 -20.94 -21.05 20.96
CA THR A 274 -20.08 -22.04 20.30
C THR A 274 -18.73 -22.07 20.99
N ASN A 275 -17.90 -23.04 20.59
CA ASN A 275 -16.53 -23.18 21.13
C ASN A 275 -15.59 -23.47 19.96
N ILE A 276 -15.24 -22.41 19.23
CA ILE A 276 -14.38 -22.53 18.05
C ILE A 276 -12.93 -22.73 18.51
N PRO A 277 -12.27 -23.81 18.09
CA PRO A 277 -10.91 -24.13 18.54
C PRO A 277 -9.86 -23.41 17.70
N TRP A 278 -9.80 -22.09 17.88
CA TRP A 278 -8.87 -21.25 17.16
C TRP A 278 -7.44 -21.77 17.33
N GLY A 279 -6.71 -21.82 16.21
CA GLY A 279 -5.32 -22.19 16.23
C GLY A 279 -4.74 -22.11 14.83
N PRO A 280 -3.42 -22.21 14.70
CA PRO A 280 -2.80 -22.13 13.38
C PRO A 280 -3.31 -23.22 12.46
N ALA A 281 -3.77 -22.81 11.28
CA ALA A 281 -4.22 -23.73 10.21
C ALA A 281 -5.30 -24.69 10.66
N PHE A 282 -6.10 -24.32 11.66
CA PHE A 282 -7.07 -25.28 12.22
C PHE A 282 -8.11 -25.73 11.20
N MET A 283 -8.39 -24.90 10.19
CA MET A 283 -9.35 -25.29 9.16
C MET A 283 -8.78 -26.25 8.12
N GLY A 284 -7.47 -26.50 8.12
CA GLY A 284 -6.86 -27.36 7.13
C GLY A 284 -7.52 -28.71 6.96
N PRO A 285 -7.67 -29.46 8.05
CA PRO A 285 -8.30 -30.78 7.94
C PRO A 285 -9.75 -30.72 7.49
N ILE A 286 -10.47 -29.67 7.87
CA ILE A 286 -11.87 -29.57 7.48
C ILE A 286 -11.98 -29.23 5.99
N ALA A 287 -11.22 -28.24 5.53
CA ALA A 287 -11.20 -27.93 4.11
C ALA A 287 -10.77 -29.14 3.28
N GLU A 288 -9.80 -29.91 3.78
CA GLU A 288 -9.36 -31.10 3.05
C GLU A 288 -10.49 -32.10 2.90
N ARG A 289 -11.27 -32.30 3.96
CA ARG A 289 -12.37 -33.25 3.88
C ARG A 289 -13.43 -32.79 2.89
N VAL A 290 -13.76 -31.49 2.90
CA VAL A 290 -14.72 -30.97 1.93
C VAL A 290 -14.20 -31.15 0.51
N ARG A 291 -12.94 -30.77 0.28
CA ARG A 291 -12.33 -30.90 -1.04
C ARG A 291 -12.40 -32.33 -1.55
N ARG A 292 -12.00 -33.29 -0.70
CA ARG A 292 -11.92 -34.68 -1.12
C ARG A 292 -13.31 -35.31 -1.26
N GLU A 293 -14.22 -35.01 -0.33
CA GLU A 293 -15.52 -35.69 -0.34
C GLU A 293 -16.49 -35.05 -1.33
N ALA A 294 -16.47 -33.72 -1.48
CA ALA A 294 -17.31 -33.07 -2.46
C ALA A 294 -16.64 -32.95 -3.83
N LYS A 295 -15.35 -33.24 -3.93
CA LYS A 295 -14.62 -33.27 -5.21
C LYS A 295 -14.70 -31.92 -5.91
N LEU A 296 -14.33 -30.88 -5.16
CA LEU A 296 -14.46 -29.50 -5.58
C LEU A 296 -13.22 -28.77 -5.07
N PRO A 297 -12.65 -27.87 -5.86
CA PRO A 297 -11.54 -27.06 -5.35
C PRO A 297 -12.00 -26.20 -4.19
N VAL A 298 -11.07 -25.89 -3.28
CA VAL A 298 -11.40 -25.13 -2.09
C VAL A 298 -10.32 -24.11 -1.74
N THR A 299 -10.74 -23.08 -1.03
CA THR A 299 -9.83 -22.25 -0.25
C THR A 299 -10.33 -22.21 1.18
N SER A 300 -9.48 -21.75 2.09
CA SER A 300 -9.90 -21.50 3.46
C SER A 300 -8.98 -20.44 4.04
N ALA A 301 -9.23 -20.09 5.30
CA ALA A 301 -8.55 -18.99 5.96
C ALA A 301 -8.53 -19.28 7.46
N TRP A 302 -8.36 -18.23 8.27
CA TRP A 302 -8.43 -18.32 9.74
C TRP A 302 -7.19 -19.00 10.32
N GLY A 303 -6.02 -18.49 9.96
CA GLY A 303 -4.79 -18.99 10.58
C GLY A 303 -3.80 -19.65 9.64
N PHE A 304 -3.89 -19.40 8.33
CA PHE A 304 -2.88 -19.87 7.40
C PHE A 304 -1.83 -18.82 7.10
N GLY A 305 -1.89 -17.67 7.77
CA GLY A 305 -1.07 -16.52 7.43
C GLY A 305 0.39 -16.52 7.86
N THR A 306 1.09 -17.64 7.68
CA THR A 306 2.54 -17.63 7.64
C THR A 306 2.96 -18.35 6.38
N PRO A 307 4.12 -18.01 5.81
CA PRO A 307 4.52 -18.68 4.57
C PRO A 307 4.58 -20.19 4.70
N GLN A 308 5.10 -20.72 5.82
CA GLN A 308 5.22 -22.17 5.93
C GLN A 308 3.87 -22.85 6.13
N LEU A 309 2.96 -22.24 6.90
CA LEU A 309 1.64 -22.84 7.06
C LEU A 309 0.90 -22.87 5.71
N ALA A 310 1.01 -21.80 4.93
CA ALA A 310 0.35 -21.77 3.62
C ALA A 310 0.93 -22.82 2.69
N GLU A 311 2.27 -22.89 2.63
CA GLU A 311 2.93 -23.89 1.80
C GLU A 311 2.54 -25.31 2.21
N ALA A 312 2.52 -25.59 3.52
CA ALA A 312 2.20 -26.94 3.98
C ALA A 312 0.78 -27.35 3.60
N ALA A 313 -0.17 -26.40 3.68
CA ALA A 313 -1.55 -26.74 3.37
C ALA A 313 -1.72 -27.11 1.89
N LEU A 314 -0.99 -26.42 1.01
CA LEU A 314 -1.04 -26.73 -0.41
C LEU A 314 -0.34 -28.06 -0.72
N GLN A 315 0.84 -28.28 -0.13
N GLN A 315 0.84 -28.28 -0.13
CA GLN A 315 1.55 -29.53 -0.39
CA GLN A 315 1.55 -29.52 -0.38
C GLN A 315 0.75 -30.74 0.11
C GLN A 315 0.75 -30.74 0.11
N ALA A 316 -0.03 -30.57 1.17
CA ALA A 316 -0.88 -31.65 1.68
C ALA A 316 -2.18 -31.77 0.91
N ASN A 317 -2.39 -30.95 -0.11
CA ASN A 317 -3.63 -30.97 -0.90
C ASN A 317 -4.86 -30.78 -0.02
N GLN A 318 -4.72 -29.91 0.99
CA GLN A 318 -5.86 -29.52 1.80
C GLN A 318 -6.63 -28.38 1.16
N LEU A 319 -5.93 -27.56 0.37
N LEU A 319 -5.97 -27.56 0.36
CA LEU A 319 -6.45 -26.34 -0.24
CA LEU A 319 -6.69 -26.52 -0.36
C LEU A 319 -5.93 -26.27 -1.68
C LEU A 319 -5.94 -26.21 -1.64
N ASP A 320 -6.64 -25.51 -2.52
CA ASP A 320 -6.11 -25.14 -3.83
C ASP A 320 -5.56 -23.73 -3.85
N LEU A 321 -6.15 -22.83 -3.05
CA LEU A 321 -5.65 -21.48 -2.85
C LEU A 321 -5.62 -21.24 -1.35
N VAL A 322 -4.62 -20.50 -0.88
CA VAL A 322 -4.54 -20.14 0.53
C VAL A 322 -5.01 -18.70 0.67
N SER A 323 -6.06 -18.48 1.46
CA SER A 323 -6.55 -17.13 1.70
C SER A 323 -5.82 -16.55 2.92
N VAL A 324 -5.23 -15.38 2.75
CA VAL A 324 -4.41 -14.74 3.77
C VAL A 324 -4.95 -13.33 3.93
N GLY A 325 -5.65 -13.09 5.04
CA GLY A 325 -6.38 -11.85 5.26
C GLY A 325 -5.64 -10.84 6.11
N ARG A 326 -5.61 -11.07 7.43
CA ARG A 326 -5.04 -10.06 8.32
C ARG A 326 -3.57 -9.76 8.03
N ALA A 327 -2.80 -10.76 7.57
CA ALA A 327 -1.39 -10.48 7.28
C ALA A 327 -1.24 -9.43 6.18
N HIS A 328 -2.23 -9.32 5.28
CA HIS A 328 -2.21 -8.30 4.23
C HIS A 328 -2.66 -6.93 4.71
N LEU A 329 -3.42 -6.86 5.81
CA LEU A 329 -3.67 -5.57 6.44
C LEU A 329 -2.42 -5.07 7.13
N ALA A 330 -1.68 -5.99 7.77
CA ALA A 330 -0.42 -5.63 8.40
C ALA A 330 0.62 -5.20 7.36
N ASP A 331 0.72 -5.94 6.26
CA ASP A 331 1.74 -5.71 5.24
C ASP A 331 1.07 -5.97 3.90
N PRO A 332 0.71 -4.92 3.16
N PRO A 332 0.73 -4.93 3.13
CA PRO A 332 0.10 -5.11 1.83
CA PRO A 332 0.07 -5.18 1.83
C PRO A 332 0.96 -5.90 0.87
C PRO A 332 0.97 -5.84 0.82
N HIS A 333 2.27 -5.97 1.11
CA HIS A 333 3.20 -6.72 0.27
C HIS A 333 3.51 -8.10 0.85
N TRP A 334 2.56 -8.68 1.60
CA TRP A 334 2.83 -9.96 2.26
C TRP A 334 3.27 -11.03 1.25
N ALA A 335 2.71 -11.03 0.04
CA ALA A 335 3.09 -12.05 -0.93
C ALA A 335 4.59 -12.03 -1.20
N TYR A 336 5.18 -10.83 -1.27
CA TYR A 336 6.64 -10.71 -1.41
C TYR A 336 7.35 -11.27 -0.19
N PHE A 337 6.86 -10.92 1.02
CA PHE A 337 7.43 -11.49 2.23
C PHE A 337 7.41 -13.01 2.18
N ALA A 338 6.29 -13.60 1.75
CA ALA A 338 6.20 -15.05 1.65
C ALA A 338 7.19 -15.61 0.62
N ALA A 339 7.32 -14.95 -0.53
CA ALA A 339 8.25 -15.42 -1.56
C ALA A 339 9.69 -15.44 -1.03
N LYS A 340 10.08 -14.40 -0.30
CA LYS A 340 11.40 -14.38 0.32
C LYS A 340 11.57 -15.54 1.30
N GLU A 341 10.59 -15.74 2.19
N GLU A 341 10.58 -15.75 2.17
CA GLU A 341 10.75 -16.78 3.20
CA GLU A 341 10.70 -16.77 3.21
C GLU A 341 10.84 -18.17 2.58
C GLU A 341 10.76 -18.17 2.63
N LEU A 342 10.08 -18.40 1.51
CA LEU A 342 10.07 -19.71 0.86
C LEU A 342 11.19 -19.86 -0.18
N GLY A 343 12.10 -18.90 -0.25
CA GLY A 343 13.24 -19.00 -1.15
C GLY A 343 12.90 -19.03 -2.62
N VAL A 344 11.82 -18.36 -3.01
CA VAL A 344 11.48 -18.25 -4.42
C VAL A 344 12.60 -17.53 -5.15
N GLU A 345 12.97 -18.06 -6.32
CA GLU A 345 13.97 -17.41 -7.14
C GLU A 345 13.43 -16.07 -7.62
N LYS A 346 14.27 -15.05 -7.55
CA LYS A 346 13.88 -13.68 -7.92
C LYS A 346 12.65 -13.23 -7.13
N ALA A 347 12.69 -13.49 -5.82
CA ALA A 347 11.55 -13.22 -4.96
C ALA A 347 11.11 -11.76 -5.03
N SER A 348 12.05 -10.84 -5.19
N SER A 348 12.05 -10.84 -5.19
CA SER A 348 11.67 -9.43 -5.20
CA SER A 348 11.71 -9.43 -5.21
C SER A 348 10.78 -9.09 -6.38
C SER A 348 10.78 -9.09 -6.37
N TRP A 349 10.88 -9.83 -7.47
CA TRP A 349 10.03 -9.62 -8.65
C TRP A 349 8.61 -10.15 -8.48
N THR A 350 8.26 -10.60 -7.27
CA THR A 350 6.86 -10.67 -6.87
C THR A 350 6.22 -9.30 -6.92
N LEU A 351 7.01 -8.25 -6.71
CA LEU A 351 6.58 -6.86 -6.73
C LEU A 351 6.87 -6.23 -8.09
N PRO A 352 6.24 -5.08 -8.39
CA PRO A 352 6.55 -4.38 -9.64
C PRO A 352 7.97 -3.81 -9.61
N ALA A 353 8.50 -3.56 -10.81
CA ALA A 353 9.88 -3.11 -11.00
C ALA A 353 10.35 -1.97 -10.09
N PRO A 354 9.57 -0.91 -9.85
CA PRO A 354 10.08 0.19 -9.03
C PRO A 354 10.43 -0.22 -7.60
N TYR A 355 9.93 -1.36 -7.16
CA TYR A 355 10.32 -1.97 -5.89
C TYR A 355 11.30 -3.12 -6.10
N ALA A 356 10.96 -4.00 -7.05
CA ALA A 356 11.71 -5.25 -7.23
C ALA A 356 13.17 -4.99 -7.55
N HIS A 357 13.44 -4.02 -8.41
CA HIS A 357 14.82 -3.78 -8.81
C HIS A 357 15.71 -3.55 -7.59
N TRP A 358 15.24 -2.74 -6.65
CA TRP A 358 16.05 -2.31 -5.51
C TRP A 358 16.11 -3.38 -4.42
N LEU A 359 15.04 -4.15 -4.26
CA LEU A 359 15.00 -5.16 -3.22
C LEU A 359 15.78 -6.41 -3.60
N GLU A 360 15.98 -6.63 -4.90
CA GLU A 360 16.91 -7.67 -5.34
C GLU A 360 18.32 -7.34 -4.89
N ARG A 361 18.69 -6.06 -4.91
CA ARG A 361 20.05 -5.62 -4.62
C ARG A 361 20.27 -5.32 -3.15
N TYR A 362 19.23 -4.87 -2.43
CA TYR A 362 19.23 -4.96 -0.98
C TYR A 362 19.70 -6.34 -0.55
N ARG A 363 19.24 -7.36 -1.28
CA ARG A 363 19.60 -8.75 -1.05
C ARG A 363 20.97 -9.07 -1.66
N SER B 2 9.32 5.04 23.28
CA SER B 2 10.44 4.94 22.34
C SER B 2 10.64 6.29 21.64
N ALA B 3 11.90 6.67 21.45
CA ALA B 3 12.20 7.94 20.79
C ALA B 3 11.68 7.97 19.35
N LEU B 4 11.65 6.80 18.68
CA LEU B 4 11.21 6.76 17.29
C LEU B 4 9.78 7.23 17.14
N PHE B 5 8.97 7.11 18.19
CA PHE B 5 7.55 7.44 18.13
C PHE B 5 7.19 8.70 18.92
N GLU B 6 8.17 9.51 19.25
CA GLU B 6 7.90 10.85 19.77
C GLU B 6 7.65 11.81 18.62
N PRO B 7 6.69 12.72 18.78
CA PRO B 7 6.46 13.73 17.74
C PRO B 7 7.63 14.70 17.62
N TYR B 8 7.63 15.43 16.50
CA TYR B 8 8.68 16.40 16.18
C TYR B 8 8.03 17.63 15.60
N THR B 9 8.35 18.80 16.14
CA THR B 9 7.84 20.06 15.63
C THR B 9 8.97 20.88 15.03
N LEU B 10 8.78 21.34 13.80
CA LEU B 10 9.74 22.22 13.15
C LEU B 10 8.92 23.29 12.45
N LYS B 11 9.19 24.55 12.78
CA LYS B 11 8.33 25.66 12.34
C LYS B 11 6.89 25.33 12.75
N ASP B 12 5.90 25.47 11.89
CA ASP B 12 4.50 25.21 12.24
C ASP B 12 4.08 23.76 11.99
N VAL B 13 5.01 22.88 11.64
CA VAL B 13 4.70 21.52 11.22
C VAL B 13 5.02 20.57 12.36
N THR B 14 4.08 19.69 12.70
CA THR B 14 4.29 18.65 13.70
C THR B 14 4.17 17.29 13.05
N LEU B 15 5.23 16.50 13.14
CA LEU B 15 5.26 15.12 12.66
C LEU B 15 4.87 14.21 13.80
N ARG B 16 4.06 13.20 13.51
CA ARG B 16 3.53 12.36 14.59
C ARG B 16 4.57 11.41 15.16
N ASN B 17 5.67 11.17 14.44
CA ASN B 17 6.76 10.34 14.94
C ASN B 17 8.03 10.78 14.23
N ARG B 18 9.14 10.08 14.47
CA ARG B 18 10.43 10.44 13.91
C ARG B 18 10.78 9.65 12.66
N ILE B 19 9.82 8.92 12.10
CA ILE B 19 10.06 8.13 10.88
C ILE B 19 9.77 9.00 9.68
N ALA B 20 10.79 9.24 8.86
CA ALA B 20 10.64 9.94 7.59
C ALA B 20 10.87 8.95 6.46
N ILE B 21 10.04 9.04 5.43
CA ILE B 21 10.28 8.32 4.18
C ILE B 21 11.04 9.25 3.25
N PRO B 22 12.29 8.97 2.93
CA PRO B 22 13.09 9.88 2.12
C PRO B 22 12.64 9.81 0.67
N PRO B 23 13.05 10.78 -0.15
CA PRO B 23 12.66 10.76 -1.56
C PRO B 23 13.20 9.51 -2.24
N MET B 24 12.31 8.82 -2.97
CA MET B 24 12.69 7.63 -3.74
C MET B 24 12.04 7.68 -5.11
N CYS B 25 12.85 7.99 -6.14
CA CYS B 25 12.39 7.95 -7.52
C CYS B 25 11.70 6.64 -7.86
N GLN B 26 10.58 6.75 -8.57
CA GLN B 26 9.80 5.60 -9.02
C GLN B 26 9.95 5.32 -10.50
N TYR B 27 10.41 6.29 -11.29
CA TYR B 27 10.66 6.12 -12.72
C TYR B 27 9.41 5.74 -13.49
N MET B 28 8.25 6.19 -13.01
CA MET B 28 6.97 5.81 -13.61
C MET B 28 6.19 6.98 -14.18
N ALA B 29 6.74 8.19 -14.15
CA ALA B 29 6.08 9.34 -14.73
C ALA B 29 6.28 9.35 -16.25
N GLU B 30 5.43 10.12 -16.93
CA GLU B 30 5.53 10.28 -18.37
C GLU B 30 5.53 11.77 -18.65
N ASP B 31 6.58 12.26 -19.33
CA ASP B 31 6.71 13.68 -19.61
C ASP B 31 6.62 14.50 -18.31
N GLY B 32 7.18 13.94 -17.23
CA GLY B 32 7.17 14.58 -15.93
C GLY B 32 5.89 14.45 -15.14
N LEU B 33 4.80 13.94 -15.73
CA LEU B 33 3.51 13.90 -15.05
C LEU B 33 3.39 12.62 -14.24
N ILE B 34 3.11 12.76 -12.95
CA ILE B 34 2.86 11.57 -12.14
C ILE B 34 1.48 11.02 -12.46
N ASN B 35 1.17 9.84 -11.92
CA ASN B 35 -0.04 9.13 -12.35
C ASN B 35 -0.47 8.15 -11.26
N ASP B 36 -1.27 7.16 -11.64
CA ASP B 36 -1.82 6.23 -10.64
C ASP B 36 -0.73 5.44 -9.93
N TRP B 37 0.42 5.23 -10.58
CA TRP B 37 1.49 4.54 -9.86
C TRP B 37 1.80 5.29 -8.58
N HIS B 38 2.10 6.59 -8.72
CA HIS B 38 2.52 7.42 -7.60
C HIS B 38 1.39 7.61 -6.59
N GLN B 39 0.16 7.77 -7.10
CA GLN B 39 -0.95 8.04 -6.20
C GLN B 39 -1.08 6.93 -5.16
N VAL B 40 -1.13 5.68 -5.61
CA VAL B 40 -1.28 4.56 -4.68
C VAL B 40 0.00 4.35 -3.86
N HIS B 41 1.16 4.47 -4.51
CA HIS B 41 2.44 4.27 -3.83
C HIS B 41 2.57 5.20 -2.64
N TYR B 42 2.34 6.50 -2.84
CA TYR B 42 2.50 7.45 -1.76
C TYR B 42 1.40 7.33 -0.71
N ALA B 43 0.14 7.16 -1.15
CA ALA B 43 -0.95 7.07 -0.19
C ALA B 43 -0.79 5.86 0.72
N SER B 44 -0.39 4.72 0.15
CA SER B 44 -0.25 3.52 0.96
C SER B 44 0.85 3.67 2.01
N MET B 45 2.01 4.23 1.62
CA MET B 45 3.10 4.40 2.58
C MET B 45 2.70 5.40 3.67
N ALA B 46 1.96 6.45 3.32
CA ALA B 46 1.54 7.41 4.34
C ALA B 46 0.59 6.77 5.34
N ARG B 47 -0.33 5.92 4.86
CA ARG B 47 -1.20 5.19 5.77
C ARG B 47 -0.43 4.21 6.64
N GLY B 48 0.76 3.79 6.20
CA GLY B 48 1.61 2.90 6.96
C GLY B 48 2.10 3.46 8.28
N GLY B 49 2.07 4.77 8.46
CA GLY B 49 2.33 5.38 9.75
C GLY B 49 3.47 6.38 9.79
N ALA B 50 4.31 6.48 8.77
CA ALA B 50 5.44 7.41 8.83
C ALA B 50 4.94 8.83 9.05
N GLY B 51 5.70 9.60 9.84
CA GLY B 51 5.27 10.95 10.16
C GLY B 51 5.51 11.96 9.05
N LEU B 52 6.47 11.69 8.17
CA LEU B 52 6.83 12.59 7.08
C LEU B 52 7.09 11.74 5.84
N LEU B 53 6.56 12.17 4.69
CA LEU B 53 6.79 11.48 3.43
C LEU B 53 7.33 12.51 2.45
N VAL B 54 8.61 12.44 2.12
CA VAL B 54 9.20 13.33 1.12
C VAL B 54 9.09 12.67 -0.25
N VAL B 55 8.31 13.28 -1.13
CA VAL B 55 8.15 12.80 -2.49
C VAL B 55 9.49 12.84 -3.24
N GLU B 56 9.70 11.84 -4.08
CA GLU B 56 10.88 11.63 -4.92
C GLU B 56 11.39 12.89 -5.62
N ALA B 57 12.67 12.86 -5.98
CA ALA B 57 13.30 13.91 -6.78
C ALA B 57 12.40 14.30 -7.95
N THR B 58 11.97 15.56 -7.93
CA THR B 58 11.04 16.08 -8.92
C THR B 58 11.75 17.19 -9.66
N ALA B 59 11.91 17.02 -10.97
CA ALA B 59 12.78 17.89 -11.75
C ALA B 59 12.19 19.30 -11.87
N VAL B 60 13.05 20.30 -11.69
CA VAL B 60 12.64 21.69 -11.88
C VAL B 60 12.59 22.09 -13.35
N ALA B 61 13.15 21.28 -14.24
CA ALA B 61 13.21 21.55 -15.67
C ALA B 61 13.31 20.22 -16.39
N PRO B 62 12.86 20.12 -17.64
CA PRO B 62 12.88 18.80 -18.30
C PRO B 62 14.26 18.16 -18.37
N GLU B 63 15.31 18.92 -18.64
CA GLU B 63 16.65 18.37 -18.75
C GLU B 63 17.23 18.00 -17.40
N GLY B 64 16.57 18.39 -16.32
CA GLY B 64 16.95 18.05 -14.96
C GLY B 64 16.38 16.76 -14.43
N ARG B 65 15.53 16.08 -15.19
CA ARG B 65 15.16 14.71 -14.86
C ARG B 65 16.38 13.82 -14.90
N ILE B 66 16.39 12.77 -14.06
CA ILE B 66 17.42 11.75 -14.23
C ILE B 66 17.14 10.93 -15.48
N THR B 67 15.89 10.52 -15.64
CA THR B 67 15.46 9.55 -16.64
C THR B 67 14.17 9.99 -17.32
N PRO B 68 13.77 9.33 -18.41
CA PRO B 68 12.46 9.63 -19.01
C PRO B 68 11.28 9.29 -18.12
N GLY B 69 11.48 8.57 -17.02
CA GLY B 69 10.41 8.25 -16.10
C GLY B 69 10.33 9.17 -14.90
N CYS B 70 11.14 10.22 -14.84
CA CYS B 70 11.19 11.03 -13.63
C CYS B 70 10.05 12.05 -13.59
N ALA B 71 9.57 12.31 -12.38
CA ALA B 71 8.57 13.33 -12.16
C ALA B 71 9.15 14.72 -12.37
N GLY B 72 8.27 15.66 -12.75
CA GLY B 72 8.67 17.04 -12.95
C GLY B 72 7.66 17.99 -12.34
N ILE B 73 8.11 19.23 -12.12
CA ILE B 73 7.23 20.27 -11.60
C ILE B 73 7.51 21.58 -12.32
N TRP B 74 7.84 21.48 -13.61
CA TRP B 74 8.29 22.63 -14.39
C TRP B 74 7.16 23.40 -15.07
N SER B 75 5.90 23.04 -14.78
CA SER B 75 4.74 23.79 -15.25
C SER B 75 3.66 23.69 -14.19
N ASP B 76 2.68 24.59 -14.26
CA ASP B 76 1.59 24.55 -13.30
C ASP B 76 0.78 23.25 -13.43
N ALA B 77 0.63 22.72 -14.65
CA ALA B 77 -0.08 21.45 -14.82
C ALA B 77 0.65 20.31 -14.12
N HIS B 78 1.99 20.31 -14.18
CA HIS B 78 2.76 19.32 -13.44
C HIS B 78 2.51 19.43 -11.95
N ALA B 79 2.48 20.65 -11.43
CA ALA B 79 2.24 20.85 -10.00
C ALA B 79 0.85 20.37 -9.61
N GLN B 80 -0.16 20.67 -10.42
CA GLN B 80 -1.53 20.28 -10.08
C GLN B 80 -1.66 18.77 -9.98
N ALA B 81 -0.86 18.01 -10.75
CA ALA B 81 -0.88 16.56 -10.65
C ALA B 81 -0.46 16.05 -9.28
N PHE B 82 0.31 16.83 -8.51
CA PHE B 82 0.68 16.41 -7.17
C PHE B 82 -0.40 16.66 -6.14
N VAL B 83 -1.40 17.49 -6.44
CA VAL B 83 -2.41 17.82 -5.44
C VAL B 83 -3.06 16.58 -4.81
N PRO B 84 -3.53 15.58 -5.58
CA PRO B 84 -4.11 14.39 -4.93
C PRO B 84 -3.12 13.60 -4.11
N VAL B 85 -1.82 13.68 -4.41
CA VAL B 85 -0.82 13.03 -3.57
C VAL B 85 -0.68 13.77 -2.24
N VAL B 86 -0.59 15.09 -2.29
CA VAL B 86 -0.57 15.89 -1.07
C VAL B 86 -1.79 15.58 -0.22
N GLN B 87 -2.97 15.56 -0.85
N GLN B 87 -2.96 15.58 -0.86
CA GLN B 87 -4.19 15.35 -0.10
CA GLN B 87 -4.21 15.34 -0.13
C GLN B 87 -4.23 13.95 0.53
C GLN B 87 -4.22 13.97 0.53
N ALA B 88 -3.76 12.94 -0.18
CA ALA B 88 -3.78 11.58 0.36
C ALA B 88 -2.78 11.42 1.51
N ILE B 89 -1.63 12.06 1.41
CA ILE B 89 -0.65 11.98 2.49
C ILE B 89 -1.20 12.65 3.75
N LYS B 90 -1.79 13.85 3.59
CA LYS B 90 -2.40 14.53 4.72
C LYS B 90 -3.58 13.75 5.29
N ALA B 91 -4.41 13.17 4.43
CA ALA B 91 -5.57 12.42 4.91
C ALA B 91 -5.13 11.24 5.77
N ALA B 92 -3.96 10.69 5.48
CA ALA B 92 -3.41 9.59 6.28
C ALA B 92 -2.79 10.05 7.59
N GLY B 93 -2.74 11.35 7.85
CA GLY B 93 -2.10 11.84 9.07
C GLY B 93 -0.60 12.05 8.97
N SER B 94 -0.03 11.89 7.79
CA SER B 94 1.39 12.13 7.57
C SER B 94 1.56 13.55 7.02
N VAL B 95 2.80 13.99 6.88
CA VAL B 95 3.11 15.33 6.41
C VAL B 95 3.71 15.22 5.02
N PRO B 96 3.17 15.93 4.02
CA PRO B 96 3.68 15.80 2.65
C PRO B 96 4.83 16.74 2.39
N GLY B 97 5.97 16.17 1.99
CA GLY B 97 7.12 16.94 1.55
C GLY B 97 7.45 16.58 0.11
N ILE B 98 8.32 17.39 -0.50
CA ILE B 98 8.77 17.11 -1.85
C ILE B 98 10.23 17.53 -1.99
N GLN B 99 11.01 16.72 -2.68
CA GLN B 99 12.37 17.05 -3.05
C GLN B 99 12.37 17.59 -4.47
N ILE B 100 12.82 18.85 -4.64
CA ILE B 100 12.94 19.44 -5.96
C ILE B 100 14.41 19.39 -6.40
N ALA B 101 14.62 19.08 -7.68
CA ALA B 101 15.90 18.50 -8.08
C ALA B 101 16.29 18.93 -9.49
N HIS B 102 17.58 18.79 -9.78
CA HIS B 102 18.09 18.91 -11.13
C HIS B 102 19.30 17.98 -11.25
N ALA B 103 19.19 17.00 -12.15
CA ALA B 103 20.16 15.90 -12.21
C ALA B 103 21.51 16.30 -12.81
N GLY B 104 21.66 17.47 -13.42
CA GLY B 104 22.99 17.86 -13.87
C GLY B 104 23.58 16.87 -14.85
N ARG B 105 24.85 16.51 -14.64
CA ARG B 105 25.52 15.63 -15.59
C ARG B 105 25.03 14.19 -15.52
N LYS B 106 24.33 13.82 -14.45
N LYS B 106 24.33 13.80 -14.46
CA LYS B 106 23.78 12.48 -14.31
CA LYS B 106 23.80 12.45 -14.37
C LYS B 106 22.38 12.36 -14.91
C LYS B 106 22.46 12.30 -15.08
N ALA B 107 21.92 13.39 -15.63
CA ALA B 107 20.64 13.33 -16.33
C ALA B 107 20.75 12.55 -17.63
N SER B 108 19.59 12.35 -18.26
CA SER B 108 19.47 11.63 -19.54
C SER B 108 19.98 10.20 -19.42
N ALA B 109 19.55 9.51 -18.37
CA ALA B 109 19.94 8.13 -18.10
C ALA B 109 18.72 7.21 -18.23
N ASN B 110 19.00 5.93 -18.49
CA ASN B 110 17.96 4.93 -18.51
C ASN B 110 17.46 4.64 -17.09
N ARG B 111 16.23 4.13 -17.01
N ARG B 111 16.24 4.14 -17.01
CA ARG B 111 15.72 3.63 -15.74
CA ARG B 111 15.73 3.63 -15.74
C ARG B 111 16.63 2.53 -15.21
C ARG B 111 16.68 2.55 -15.21
N PRO B 112 16.74 2.37 -13.89
CA PRO B 112 17.72 1.41 -13.34
C PRO B 112 17.54 -0.01 -13.82
N TRP B 113 16.32 -0.47 -14.04
CA TRP B 113 16.10 -1.81 -14.55
C TRP B 113 16.10 -1.87 -16.07
N GLU B 114 16.50 -0.78 -16.72
CA GLU B 114 16.63 -0.72 -18.17
C GLU B 114 18.03 -0.31 -18.58
N GLY B 115 19.03 -0.67 -17.76
CA GLY B 115 20.43 -0.46 -18.06
C GLY B 115 21.14 0.47 -17.09
N ASP B 116 20.41 1.44 -16.53
CA ASP B 116 20.91 2.35 -15.51
C ASP B 116 22.00 3.30 -16.03
N ASP B 117 22.26 3.28 -17.34
CA ASP B 117 23.38 3.99 -17.94
C ASP B 117 22.89 5.18 -18.75
N HIS B 118 23.81 6.03 -19.16
CA HIS B 118 23.44 7.17 -19.99
C HIS B 118 22.79 6.70 -21.28
N ILE B 119 21.73 7.39 -21.68
CA ILE B 119 21.07 7.09 -22.94
C ILE B 119 22.01 7.39 -24.09
N GLY B 120 22.07 6.48 -25.06
CA GLY B 120 22.98 6.65 -26.17
C GLY B 120 22.52 7.74 -27.12
N ALA B 121 23.47 8.24 -27.91
CA ALA B 121 23.19 9.37 -28.80
C ALA B 121 22.17 9.01 -29.88
N ASP B 122 22.10 7.73 -30.27
CA ASP B 122 21.16 7.28 -31.29
C ASP B 122 19.75 7.05 -30.76
N ASP B 123 19.54 7.25 -29.46
CA ASP B 123 18.25 6.98 -28.82
C ASP B 123 17.56 8.33 -28.65
N ALA B 124 16.44 8.53 -29.35
CA ALA B 124 15.77 9.83 -29.35
C ALA B 124 15.17 10.21 -28.00
N ARG B 125 15.20 9.31 -27.02
CA ARG B 125 14.70 9.67 -25.70
C ARG B 125 15.68 10.53 -24.92
N GLY B 126 16.95 10.60 -25.35
CA GLY B 126 17.96 11.33 -24.61
C GLY B 126 17.93 12.83 -24.86
N TRP B 127 18.71 13.55 -24.05
CA TRP B 127 18.82 14.99 -24.18
C TRP B 127 20.19 15.44 -23.71
N GLU B 128 20.58 16.64 -24.15
CA GLU B 128 21.85 17.20 -23.70
C GLU B 128 21.78 17.57 -22.23
N THR B 129 22.85 17.28 -21.51
CA THR B 129 22.91 17.56 -20.08
C THR B 129 23.74 18.82 -19.84
N ILE B 130 23.50 19.43 -18.68
CA ILE B 130 24.23 20.63 -18.27
C ILE B 130 24.86 20.41 -16.90
N ALA B 131 25.95 21.15 -16.64
CA ALA B 131 26.74 20.95 -15.44
C ALA B 131 27.63 22.17 -15.26
N PRO B 132 28.29 22.30 -14.11
CA PRO B 132 29.24 23.43 -13.97
C PRO B 132 30.34 23.41 -15.01
N SER B 133 30.85 22.23 -15.35
CA SER B 133 31.97 22.10 -16.28
C SER B 133 31.74 20.90 -17.19
N ALA B 134 32.38 20.96 -18.36
CA ALA B 134 32.23 19.92 -19.39
C ALA B 134 33.14 18.74 -19.06
N ILE B 135 32.74 17.99 -18.03
N ILE B 135 32.72 18.00 -18.03
CA ILE B 135 33.49 16.83 -17.56
CA ILE B 135 33.45 16.84 -17.52
C ILE B 135 32.50 15.75 -17.14
C ILE B 135 32.44 15.76 -17.18
N ALA B 136 32.70 14.54 -17.67
CA ALA B 136 31.78 13.45 -17.42
C ALA B 136 32.01 12.81 -16.05
N PHE B 137 30.93 12.26 -15.50
CA PHE B 137 31.03 11.40 -14.32
C PHE B 137 31.94 10.22 -14.58
N GLY B 138 31.79 9.57 -15.74
CA GLY B 138 32.55 8.38 -16.07
C GLY B 138 31.71 7.13 -15.88
N ALA B 139 32.40 5.99 -15.92
CA ALA B 139 31.78 4.68 -15.66
C ALA B 139 30.55 4.53 -16.56
N HIS B 140 29.37 4.25 -16.00
CA HIS B 140 28.14 4.02 -16.75
C HIS B 140 27.47 5.34 -17.18
N LEU B 141 28.05 6.48 -16.82
CA LEU B 141 27.53 7.80 -17.16
C LEU B 141 28.61 8.57 -17.91
N PRO B 142 28.96 8.15 -19.14
CA PRO B 142 30.08 8.76 -19.86
C PRO B 142 29.74 10.06 -20.59
N ASN B 143 28.47 10.44 -20.69
CA ASN B 143 28.13 11.61 -21.51
C ASN B 143 28.73 12.87 -20.91
N VAL B 144 29.42 13.65 -21.76
CA VAL B 144 30.03 14.90 -21.31
C VAL B 144 28.95 15.98 -21.31
N PRO B 145 28.71 16.63 -20.17
CA PRO B 145 27.71 17.69 -20.11
C PRO B 145 28.24 18.96 -20.75
N ARG B 146 27.31 19.85 -21.11
CA ARG B 146 27.64 21.19 -21.54
C ARG B 146 27.86 22.07 -20.30
N ALA B 147 28.95 22.85 -20.31
CA ALA B 147 29.23 23.76 -19.20
C ALA B 147 28.21 24.90 -19.22
N MET B 148 27.60 25.17 -18.08
CA MET B 148 26.54 26.17 -17.99
C MET B 148 27.06 27.58 -18.23
N THR B 149 26.24 28.37 -18.92
CA THR B 149 26.47 29.80 -19.06
C THR B 149 25.91 30.54 -17.84
N LEU B 150 26.25 31.82 -17.73
CA LEU B 150 25.66 32.61 -16.67
C LEU B 150 24.15 32.67 -16.81
N ASP B 151 23.63 32.76 -18.04
CA ASP B 151 22.19 32.74 -18.24
C ASP B 151 21.59 31.39 -17.83
N ASP B 152 22.28 30.29 -18.11
CA ASP B 152 21.83 28.98 -17.61
C ASP B 152 21.71 28.99 -16.10
N ILE B 153 22.72 29.54 -15.41
CA ILE B 153 22.68 29.58 -13.95
C ILE B 153 21.50 30.39 -13.46
N ALA B 154 21.27 31.58 -14.05
CA ALA B 154 20.09 32.36 -13.67
C ALA B 154 18.80 31.59 -13.94
N ARG B 155 18.72 30.93 -15.09
CA ARG B 155 17.50 30.21 -15.45
C ARG B 155 17.23 29.04 -14.50
N VAL B 156 18.26 28.25 -14.19
CA VAL B 156 18.04 27.11 -13.31
C VAL B 156 17.63 27.58 -11.92
N LYS B 157 18.24 28.66 -11.42
CA LYS B 157 17.81 29.19 -10.14
C LYS B 157 16.34 29.58 -10.18
N GLN B 158 15.92 30.25 -11.26
CA GLN B 158 14.52 30.62 -11.37
C GLN B 158 13.62 29.39 -11.46
N ASP B 159 14.11 28.32 -12.08
CA ASP B 159 13.35 27.08 -12.14
C ASP B 159 13.15 26.49 -10.74
N PHE B 160 14.19 26.55 -9.89
CA PHE B 160 14.01 26.14 -8.49
C PHE B 160 13.00 27.02 -7.78
N VAL B 161 13.04 28.33 -8.01
CA VAL B 161 12.06 29.23 -7.40
C VAL B 161 10.65 28.85 -7.82
N ASP B 162 10.45 28.67 -9.13
CA ASP B 162 9.12 28.36 -9.64
C ASP B 162 8.65 27.00 -9.12
N ALA B 163 9.58 26.04 -9.01
CA ALA B 163 9.24 24.73 -8.47
C ALA B 163 8.80 24.85 -7.01
N ALA B 164 9.50 25.68 -6.23
CA ALA B 164 9.12 25.88 -4.84
C ALA B 164 7.79 26.59 -4.72
N ARG B 165 7.55 27.59 -5.58
N ARG B 165 7.55 27.59 -5.57
CA ARG B 165 6.25 28.26 -5.59
CA ARG B 165 6.25 28.26 -5.57
C ARG B 165 5.14 27.26 -5.89
C ARG B 165 5.13 27.27 -5.88
N ARG B 166 5.34 26.42 -6.89
CA ARG B 166 4.34 25.41 -7.25
C ARG B 166 4.13 24.40 -6.13
N ALA B 167 5.22 23.95 -5.49
CA ALA B 167 5.08 23.02 -4.38
C ALA B 167 4.30 23.65 -3.24
N ARG B 168 4.58 24.92 -2.96
CA ARG B 168 3.82 25.64 -1.94
C ARG B 168 2.34 25.69 -2.29
N ASP B 169 2.03 26.10 -3.52
CA ASP B 169 0.64 26.28 -3.91
C ASP B 169 -0.09 24.95 -4.01
N ALA B 170 0.64 23.85 -4.25
CA ALA B 170 0.02 22.53 -4.30
C ALA B 170 -0.25 21.96 -2.91
N GLY B 171 0.24 22.59 -1.85
CA GLY B 171 -0.05 22.18 -0.50
C GLY B 171 1.04 21.40 0.21
N PHE B 172 2.22 21.26 -0.38
CA PHE B 172 3.31 20.62 0.35
C PHE B 172 3.68 21.46 1.57
N GLU B 173 4.00 20.77 2.67
CA GLU B 173 4.28 21.40 3.95
C GLU B 173 5.75 21.34 4.34
N TRP B 174 6.60 20.90 3.41
CA TRP B 174 7.99 20.58 3.70
C TRP B 174 8.68 20.50 2.35
N ILE B 175 9.78 21.21 2.18
CA ILE B 175 10.49 21.19 0.90
C ILE B 175 11.92 20.77 1.15
N GLU B 176 12.49 20.04 0.20
CA GLU B 176 13.90 19.63 0.28
C GLU B 176 14.58 19.95 -1.02
N LEU B 177 15.60 20.80 -0.97
CA LEU B 177 16.40 21.08 -2.16
C LEU B 177 17.42 19.97 -2.35
N HIS B 178 17.48 19.41 -3.56
CA HIS B 178 18.35 18.26 -3.82
C HIS B 178 19.74 18.75 -4.19
N PHE B 179 20.57 18.96 -3.17
CA PHE B 179 21.95 19.37 -3.35
C PHE B 179 22.93 18.20 -3.14
N ALA B 180 22.47 16.97 -3.29
CA ALA B 180 23.30 15.80 -2.99
C ALA B 180 23.47 14.90 -4.22
N HIS B 181 24.25 13.83 -4.04
CA HIS B 181 24.21 12.65 -4.90
C HIS B 181 24.76 12.88 -6.30
N GLY B 182 25.64 13.87 -6.45
CA GLY B 182 26.33 14.06 -7.69
C GLY B 182 25.52 14.80 -8.74
N PHE B 183 24.33 15.26 -8.38
CA PHE B 183 23.46 16.00 -9.28
C PHE B 183 23.94 17.46 -9.33
N LEU B 184 23.11 18.35 -9.89
CA LEU B 184 23.65 19.66 -10.25
C LEU B 184 24.23 20.38 -9.05
N GLY B 185 23.45 20.54 -7.98
CA GLY B 185 23.94 21.28 -6.82
C GLY B 185 25.20 20.70 -6.20
N GLN B 186 25.22 19.38 -5.97
CA GLN B 186 26.43 18.75 -5.44
C GLN B 186 27.62 18.99 -6.36
N SER B 187 27.40 18.92 -7.68
CA SER B 187 28.50 19.08 -8.62
C SER B 187 29.03 20.51 -8.68
N PHE B 188 28.24 21.52 -8.29
CA PHE B 188 28.81 22.85 -8.14
C PHE B 188 29.74 22.91 -6.93
N PHE B 189 29.39 22.20 -5.85
CA PHE B 189 30.21 22.29 -4.65
C PHE B 189 31.55 21.57 -4.80
N SER B 190 31.55 20.43 -5.47
CA SER B 190 32.72 19.57 -5.47
C SER B 190 33.77 20.03 -6.48
N GLU B 191 35.03 20.07 -6.02
CA GLU B 191 36.14 20.35 -6.92
C GLU B 191 36.36 19.27 -7.97
N HIS B 192 35.82 18.06 -7.77
CA HIS B 192 35.96 17.02 -8.78
C HIS B 192 35.26 17.42 -10.07
N SER B 193 34.12 18.09 -9.95
CA SER B 193 33.24 18.34 -11.08
C SER B 193 33.20 19.80 -11.48
N ASN B 194 33.61 20.70 -10.60
CA ASN B 194 33.54 22.13 -10.85
C ASN B 194 34.95 22.64 -11.11
N LYS B 195 35.24 22.92 -12.38
CA LYS B 195 36.49 23.53 -12.81
C LYS B 195 36.29 24.95 -13.29
N ARG B 196 35.19 25.60 -12.89
CA ARG B 196 34.88 26.91 -13.42
C ARG B 196 35.88 27.95 -12.94
N THR B 197 36.06 28.99 -13.73
CA THR B 197 36.97 30.09 -13.43
C THR B 197 36.23 31.40 -13.20
N ASP B 198 34.91 31.38 -13.16
CA ASP B 198 34.14 32.58 -12.86
C ASP B 198 33.74 32.58 -11.39
N ALA B 199 32.70 33.36 -11.06
CA ALA B 199 32.26 33.48 -9.68
C ALA B 199 31.67 32.20 -9.11
N TYR B 200 31.46 31.18 -9.94
CA TYR B 200 30.81 29.95 -9.49
C TYR B 200 31.75 28.78 -9.33
N GLY B 201 33.06 29.01 -9.45
CA GLY B 201 34.02 27.95 -9.21
C GLY B 201 35.32 28.49 -8.65
N GLY B 202 36.14 27.56 -8.17
CA GLY B 202 37.43 27.87 -7.59
C GLY B 202 37.38 27.81 -6.08
N SER B 203 37.21 28.97 -5.46
CA SER B 203 37.27 29.07 -4.02
C SER B 203 36.06 28.38 -3.38
N PHE B 204 36.16 28.19 -2.06
CA PHE B 204 35.03 27.70 -1.28
C PHE B 204 33.82 28.59 -1.46
N ASP B 205 34.00 29.91 -1.37
CA ASP B 205 32.88 30.83 -1.55
C ASP B 205 32.24 30.64 -2.91
N ASN B 206 33.07 30.50 -3.94
CA ASN B 206 32.55 30.42 -5.30
C ASN B 206 31.84 29.08 -5.54
N ARG B 207 32.40 27.99 -5.04
CA ARG B 207 31.75 26.69 -5.21
C ARG B 207 30.44 26.61 -4.44
N SER B 208 30.37 27.28 -3.30
CA SER B 208 29.14 27.34 -2.51
C SER B 208 28.09 28.23 -3.14
N ARG B 209 28.49 29.11 -4.07
CA ARG B 209 27.63 30.22 -4.47
C ARG B 209 26.32 29.76 -5.11
N PHE B 210 26.39 28.79 -6.01
CA PHE B 210 25.15 28.33 -6.66
C PHE B 210 24.18 27.79 -5.63
N LEU B 211 24.68 27.05 -4.65
CA LEU B 211 23.81 26.45 -3.64
C LEU B 211 23.23 27.52 -2.72
N LEU B 212 24.05 28.48 -2.27
CA LEU B 212 23.53 29.51 -1.38
C LEU B 212 22.58 30.45 -2.12
N GLU B 213 22.88 30.78 -3.37
CA GLU B 213 21.98 31.66 -4.12
C GLU B 213 20.66 30.97 -4.43
N THR B 214 20.70 29.67 -4.72
CA THR B 214 19.45 28.94 -4.95
C THR B 214 18.64 28.88 -3.67
N LEU B 215 19.30 28.57 -2.55
CA LEU B 215 18.60 28.57 -1.27
C LEU B 215 17.95 29.93 -0.99
N ALA B 216 18.71 31.02 -1.21
CA ALA B 216 18.16 32.34 -0.91
C ALA B 216 16.98 32.66 -1.82
N ALA B 217 17.06 32.27 -3.09
CA ALA B 217 15.97 32.57 -4.01
C ALA B 217 14.72 31.78 -3.65
N VAL B 218 14.89 30.51 -3.27
CA VAL B 218 13.76 29.70 -2.81
C VAL B 218 13.19 30.26 -1.50
N ARG B 219 14.06 30.73 -0.61
N ARG B 219 14.06 30.73 -0.61
CA ARG B 219 13.60 31.26 0.67
CA ARG B 219 13.63 31.28 0.67
C ARG B 219 12.61 32.41 0.49
C ARG B 219 12.63 32.41 0.50
N GLU B 220 12.74 33.18 -0.59
CA GLU B 220 11.84 34.31 -0.79
C GLU B 220 10.41 33.88 -1.06
N VAL B 221 10.21 32.71 -1.67
CA VAL B 221 8.88 32.27 -2.06
C VAL B 221 8.33 31.17 -1.14
N TRP B 222 9.19 30.51 -0.38
CA TRP B 222 8.74 29.41 0.48
C TRP B 222 8.31 29.98 1.82
N PRO B 223 7.15 29.59 2.35
CA PRO B 223 6.65 30.21 3.58
C PRO B 223 7.59 30.03 4.77
N GLU B 224 7.74 31.09 5.54
CA GLU B 224 8.59 31.05 6.73
C GLU B 224 8.12 30.00 7.73
N ASN B 225 6.83 29.67 7.74
CA ASN B 225 6.30 28.78 8.75
C ASN B 225 6.32 27.31 8.35
N LEU B 226 6.87 26.97 7.18
CA LEU B 226 7.02 25.59 6.74
C LEU B 226 8.50 25.24 6.62
N PRO B 227 8.91 24.05 7.05
CA PRO B 227 10.33 23.70 7.01
C PRO B 227 10.94 23.80 5.61
N LEU B 228 12.07 24.49 5.55
CA LEU B 228 12.90 24.65 4.37
C LEU B 228 14.14 23.81 4.60
N THR B 229 14.30 22.75 3.81
CA THR B 229 15.38 21.79 4.05
C THR B 229 16.15 21.54 2.77
N ALA B 230 17.27 20.82 2.91
CA ALA B 230 18.08 20.44 1.77
C ALA B 230 18.75 19.12 2.07
N ARG B 231 19.05 18.39 1.01
CA ARG B 231 19.89 17.20 1.09
C ARG B 231 21.25 17.54 0.50
N PHE B 232 22.32 17.11 1.18
CA PHE B 232 23.66 17.53 0.79
C PHE B 232 24.62 16.41 1.15
N GLY B 233 25.47 16.03 0.20
CA GLY B 233 26.49 15.03 0.46
C GLY B 233 27.70 15.68 1.10
N VAL B 234 27.99 15.30 2.34
CA VAL B 234 28.99 16.00 3.15
C VAL B 234 30.38 15.39 3.04
N LEU B 235 30.53 14.21 2.44
CA LEU B 235 31.82 13.63 2.13
C LEU B 235 31.63 12.66 0.98
N GLU B 236 32.74 12.27 0.35
CA GLU B 236 32.72 11.44 -0.85
C GLU B 236 33.33 10.05 -0.65
N TYR B 237 34.10 9.84 0.44
CA TYR B 237 34.91 8.64 0.61
C TYR B 237 35.90 8.50 -0.54
N ASP B 238 36.55 9.61 -0.87
CA ASP B 238 37.47 9.74 -1.98
C ASP B 238 38.90 10.01 -1.51
N GLY B 239 39.20 9.72 -0.24
CA GLY B 239 40.52 10.03 0.29
C GLY B 239 40.71 11.45 0.71
N ARG B 240 39.67 12.30 0.63
CA ARG B 240 39.74 13.69 1.06
C ARG B 240 38.70 13.99 2.13
N ASP B 241 38.38 13.00 2.96
CA ASP B 241 37.16 13.10 3.78
C ASP B 241 37.27 14.17 4.87
N GLU B 242 38.41 14.27 5.56
CA GLU B 242 38.43 15.24 6.65
C GLU B 242 38.29 16.67 6.13
N GLN B 243 39.02 17.00 5.05
CA GLN B 243 38.91 18.33 4.48
C GLN B 243 37.52 18.58 3.90
N THR B 244 36.94 17.58 3.22
CA THR B 244 35.63 17.74 2.61
C THR B 244 34.55 17.89 3.67
N LEU B 245 34.60 17.07 4.73
N LEU B 245 34.60 17.07 4.73
N LEU B 245 34.60 17.06 4.72
CA LEU B 245 33.64 17.21 5.82
CA LEU B 245 33.64 17.21 5.81
CA LEU B 245 33.64 17.20 5.81
C LEU B 245 33.71 18.57 6.46
C LEU B 245 33.71 18.58 6.46
C LEU B 245 33.71 18.58 6.45
N GLU B 246 34.94 19.08 6.69
CA GLU B 246 35.09 20.38 7.32
C GLU B 246 34.47 21.48 6.46
N GLU B 247 34.72 21.46 5.15
CA GLU B 247 34.11 22.44 4.26
C GLU B 247 32.59 22.27 4.20
N SER B 248 32.12 21.03 4.14
CA SER B 248 30.68 20.79 4.06
C SER B 248 29.98 21.30 5.32
N ILE B 249 30.61 21.12 6.48
CA ILE B 249 30.03 21.61 7.72
C ILE B 249 30.01 23.13 7.74
N GLU B 250 31.06 23.76 7.21
CA GLU B 250 31.04 25.21 7.09
C GLU B 250 29.92 25.69 6.17
N LEU B 251 29.69 24.98 5.06
CA LEU B 251 28.57 25.33 4.19
C LEU B 251 27.25 25.14 4.93
N ALA B 252 27.13 24.07 5.73
CA ALA B 252 25.93 23.88 6.53
C ALA B 252 25.69 25.05 7.48
N ARG B 253 26.76 25.60 8.05
CA ARG B 253 26.61 26.80 8.88
C ARG B 253 26.04 27.95 8.07
N ARG B 254 26.48 28.10 6.82
N ARG B 254 26.48 28.10 6.82
CA ARG B 254 25.94 29.17 5.98
CA ARG B 254 25.96 29.17 5.98
C ARG B 254 24.51 28.89 5.57
C ARG B 254 24.52 28.88 5.56
N PHE B 255 24.17 27.61 5.34
CA PHE B 255 22.77 27.25 5.10
C PHE B 255 21.90 27.66 6.29
N LYS B 256 22.36 27.36 7.51
CA LYS B 256 21.60 27.73 8.70
C LYS B 256 21.38 29.25 8.75
N ALA B 257 22.44 30.01 8.48
CA ALA B 257 22.32 31.47 8.48
C ALA B 257 21.33 31.95 7.42
N GLY B 258 21.21 31.19 6.33
CA GLY B 258 20.29 31.46 5.24
C GLY B 258 18.91 30.88 5.43
N GLY B 259 18.56 30.44 6.63
CA GLY B 259 17.21 30.02 6.92
C GLY B 259 16.91 28.55 6.75
N LEU B 260 17.91 27.71 6.50
CA LEU B 260 17.65 26.28 6.41
C LEU B 260 17.24 25.75 7.78
N ASP B 261 16.16 24.96 7.81
CA ASP B 261 15.62 24.44 9.05
C ASP B 261 16.15 23.06 9.43
N LEU B 262 16.57 22.26 8.45
CA LEU B 262 17.02 20.89 8.70
C LEU B 262 17.84 20.47 7.49
N LEU B 263 18.88 19.67 7.75
CA LEU B 263 19.75 19.16 6.69
C LEU B 263 19.63 17.64 6.64
N SER B 264 19.31 17.11 5.46
CA SER B 264 19.40 15.68 5.20
C SER B 264 20.83 15.37 4.79
N VAL B 265 21.56 14.69 5.66
CA VAL B 265 23.00 14.49 5.52
C VAL B 265 23.22 13.20 4.73
N SER B 266 23.99 13.29 3.65
CA SER B 266 24.19 12.15 2.77
C SER B 266 25.64 12.08 2.33
N VAL B 267 25.89 11.23 1.33
CA VAL B 267 27.18 11.08 0.68
C VAL B 267 27.11 11.80 -0.67
N GLY B 268 28.25 12.29 -1.14
CA GLY B 268 28.24 13.10 -2.35
C GLY B 268 27.94 12.31 -3.62
N PHE B 269 28.50 11.11 -3.76
CA PHE B 269 28.39 10.34 -5.01
C PHE B 269 28.75 11.18 -6.24
N THR B 270 29.72 12.09 -6.11
CA THR B 270 30.00 12.99 -7.22
C THR B 270 30.79 12.31 -8.33
N ILE B 271 31.65 11.37 -7.96
CA ILE B 271 32.49 10.63 -8.89
C ILE B 271 32.41 9.15 -8.52
N PRO B 272 32.73 8.26 -9.46
CA PRO B 272 32.67 6.82 -9.14
C PRO B 272 33.89 6.28 -8.41
N GLU B 273 35.01 6.98 -8.41
CA GLU B 273 36.27 6.45 -7.84
C GLU B 273 36.32 6.71 -6.34
N THR B 274 35.52 5.94 -5.61
CA THR B 274 35.37 6.12 -4.16
C THR B 274 35.33 4.75 -3.49
N ASN B 275 35.35 4.76 -2.16
CA ASN B 275 35.33 3.53 -1.35
C ASN B 275 34.40 3.75 -0.18
N ILE B 276 33.09 3.71 -0.46
CA ILE B 276 32.08 3.97 0.56
C ILE B 276 31.97 2.77 1.48
N PRO B 277 32.13 2.95 2.80
CA PRO B 277 32.10 1.81 3.75
C PRO B 277 30.69 1.43 4.17
N TRP B 278 29.93 0.89 3.22
CA TRP B 278 28.55 0.51 3.46
C TRP B 278 28.46 -0.43 4.66
N GLY B 279 27.49 -0.14 5.53
CA GLY B 279 27.21 -0.97 6.67
C GLY B 279 26.04 -0.42 7.46
N PRO B 280 25.59 -1.17 8.46
CA PRO B 280 24.43 -0.74 9.25
C PRO B 280 24.68 0.59 9.95
N ALA B 281 23.79 1.56 9.70
CA ALA B 281 23.84 2.86 10.38
C ALA B 281 25.19 3.57 10.21
N PHE B 282 25.89 3.32 9.10
CA PHE B 282 27.26 3.85 8.99
C PHE B 282 27.29 5.37 8.96
N MET B 283 26.21 6.02 8.53
CA MET B 283 26.18 7.47 8.52
C MET B 283 25.93 8.09 9.88
N GLY B 284 25.61 7.28 10.90
CA GLY B 284 25.28 7.81 12.20
C GLY B 284 26.28 8.81 12.76
N PRO B 285 27.55 8.41 12.82
CA PRO B 285 28.57 9.33 13.38
C PRO B 285 28.79 10.57 12.53
N ILE B 286 28.66 10.46 11.22
CA ILE B 286 28.83 11.63 10.36
C ILE B 286 27.66 12.60 10.54
N ALA B 287 26.43 12.08 10.53
CA ALA B 287 25.27 12.95 10.77
C ALA B 287 25.36 13.62 12.14
N GLU B 288 25.81 12.89 13.16
CA GLU B 288 25.95 13.48 14.49
C GLU B 288 26.96 14.61 14.49
N ARG B 289 28.07 14.44 13.78
CA ARG B 289 29.07 15.50 13.74
C ARG B 289 28.53 16.74 13.04
N VAL B 290 27.78 16.55 11.94
CA VAL B 290 27.20 17.71 11.25
C VAL B 290 26.18 18.39 12.15
N ARG B 291 25.28 17.61 12.76
CA ARG B 291 24.27 18.15 13.65
C ARG B 291 24.90 18.99 14.76
N ARG B 292 25.91 18.44 15.43
CA ARG B 292 26.52 19.10 16.58
C ARG B 292 27.35 20.30 16.15
N GLU B 293 28.17 20.15 15.11
CA GLU B 293 29.09 21.23 14.74
C GLU B 293 28.39 22.38 14.02
N ALA B 294 27.41 22.07 13.16
CA ALA B 294 26.65 23.11 12.47
C ALA B 294 25.42 23.57 13.23
N LYS B 295 25.05 22.89 14.32
CA LYS B 295 23.91 23.29 15.16
C LYS B 295 22.61 23.36 14.33
N LEU B 296 22.34 22.30 13.60
CA LEU B 296 21.20 22.19 12.71
C LEU B 296 20.61 20.81 12.92
N PRO B 297 19.27 20.69 12.98
CA PRO B 297 18.66 19.36 13.00
C PRO B 297 18.99 18.62 11.72
N VAL B 298 19.07 17.29 11.81
CA VAL B 298 19.46 16.48 10.67
C VAL B 298 18.59 15.24 10.56
N THR B 299 18.56 14.70 9.35
CA THR B 299 18.18 13.32 9.12
C THR B 299 19.28 12.66 8.31
N SER B 300 19.27 11.33 8.25
CA SER B 300 20.13 10.60 7.34
C SER B 300 19.49 9.26 7.04
N ALA B 301 20.18 8.47 6.21
CA ALA B 301 19.62 7.23 5.65
C ALA B 301 20.79 6.28 5.40
N TRP B 302 20.58 5.29 4.53
CA TRP B 302 21.64 4.35 4.09
C TRP B 302 22.00 3.35 5.18
N GLY B 303 21.00 2.65 5.69
CA GLY B 303 21.27 1.58 6.64
C GLY B 303 20.70 1.77 8.02
N PHE B 304 19.72 2.67 8.22
CA PHE B 304 19.04 2.76 9.50
C PHE B 304 17.74 1.96 9.53
N GLY B 305 17.45 1.19 8.48
CA GLY B 305 16.16 0.57 8.33
C GLY B 305 15.88 -0.69 9.14
N THR B 306 16.25 -0.69 10.42
CA THR B 306 15.66 -1.64 11.37
C THR B 306 15.14 -0.85 12.55
N PRO B 307 14.12 -1.35 13.25
CA PRO B 307 13.60 -0.58 14.38
C PRO B 307 14.65 -0.24 15.42
N GLN B 308 15.54 -1.18 15.76
CA GLN B 308 16.52 -0.89 16.80
C GLN B 308 17.60 0.06 16.31
N LEU B 309 18.04 -0.06 15.05
CA LEU B 309 19.03 0.90 14.54
C LEU B 309 18.46 2.31 14.53
N ALA B 310 17.20 2.46 14.10
CA ALA B 310 16.57 3.77 14.08
C ALA B 310 16.44 4.34 15.49
N GLU B 311 15.96 3.53 16.43
CA GLU B 311 15.82 3.97 17.81
C GLU B 311 17.17 4.35 18.41
N ALA B 312 18.21 3.56 18.14
CA ALA B 312 19.52 3.86 18.72
C ALA B 312 20.05 5.20 18.23
N ALA B 313 19.84 5.51 16.94
CA ALA B 313 20.37 6.76 16.39
C ALA B 313 19.70 7.97 17.02
N LEU B 314 18.41 7.88 17.32
CA LEU B 314 17.71 8.98 17.97
C LEU B 314 18.15 9.13 19.42
N GLN B 315 18.24 8.01 20.14
CA GLN B 315 18.63 8.07 21.54
C GLN B 315 20.00 8.70 21.71
N ALA B 316 20.93 8.36 20.81
CA ALA B 316 22.28 8.91 20.82
C ALA B 316 22.37 10.32 20.28
N ASN B 317 21.23 10.93 19.93
CA ASN B 317 21.21 12.29 19.40
C ASN B 317 22.10 12.43 18.17
N GLN B 318 22.14 11.38 17.34
CA GLN B 318 22.81 11.46 16.06
C GLN B 318 21.91 12.04 14.98
N LEU B 319 20.61 11.82 15.10
CA LEU B 319 19.61 12.24 14.12
C LEU B 319 18.44 12.83 14.89
N ASP B 320 17.69 13.71 14.21
CA ASP B 320 16.39 14.15 14.69
C ASP B 320 15.24 13.38 14.08
N LEU B 321 15.38 12.98 12.81
CA LEU B 321 14.44 12.11 12.13
C LEU B 321 15.25 10.98 11.51
N VAL B 322 14.70 9.77 11.49
CA VAL B 322 15.35 8.65 10.84
C VAL B 322 14.66 8.44 9.51
N SER B 323 15.42 8.52 8.42
CA SER B 323 14.88 8.25 7.10
C SER B 323 15.02 6.77 6.79
N VAL B 324 13.91 6.14 6.38
CA VAL B 324 13.82 4.70 6.15
C VAL B 324 13.21 4.53 4.78
N GLY B 325 14.04 4.17 3.80
CA GLY B 325 13.65 4.13 2.40
C GLY B 325 13.25 2.74 1.92
N ARG B 326 14.25 1.89 1.65
CA ARG B 326 13.95 0.61 1.03
C ARG B 326 13.01 -0.25 1.85
N ALA B 327 13.08 -0.16 3.18
CA ALA B 327 12.17 -0.98 3.99
C ALA B 327 10.70 -0.62 3.73
N HIS B 328 10.43 0.63 3.31
CA HIS B 328 9.06 1.03 2.96
C HIS B 328 8.65 0.58 1.56
N LEU B 329 9.60 0.30 0.67
CA LEU B 329 9.26 -0.35 -0.59
C LEU B 329 8.90 -1.80 -0.34
N ALA B 330 9.64 -2.47 0.55
CA ALA B 330 9.30 -3.84 0.91
C ALA B 330 7.96 -3.92 1.63
N ASP B 331 7.72 -3.02 2.58
CA ASP B 331 6.52 -3.05 3.42
C ASP B 331 6.07 -1.60 3.59
N PRO B 332 5.02 -1.19 2.87
N PRO B 332 5.02 -1.17 2.89
CA PRO B 332 4.52 0.19 3.03
CA PRO B 332 4.58 0.23 3.05
C PRO B 332 4.08 0.53 4.44
C PRO B 332 4.03 0.53 4.43
N HIS B 333 3.79 -0.49 5.26
CA HIS B 333 3.39 -0.32 6.65
C HIS B 333 4.57 -0.52 7.59
N TRP B 334 5.80 -0.22 7.15
CA TRP B 334 6.96 -0.45 7.99
C TRP B 334 6.85 0.26 9.33
N ALA B 335 6.28 1.47 9.36
CA ALA B 335 6.17 2.17 10.63
C ALA B 335 5.41 1.36 11.67
N TYR B 336 4.35 0.67 11.25
CA TYR B 336 3.63 -0.22 12.16
C TYR B 336 4.51 -1.38 12.61
N PHE B 337 5.26 -1.97 11.69
CA PHE B 337 6.20 -3.02 12.05
C PHE B 337 7.20 -2.53 13.10
N ALA B 338 7.70 -1.30 12.94
CA ALA B 338 8.64 -0.76 13.91
C ALA B 338 7.98 -0.52 15.27
N ALA B 339 6.74 -0.03 15.26
CA ALA B 339 6.03 0.20 16.53
C ALA B 339 5.85 -1.10 17.29
N LYS B 340 5.50 -2.18 16.59
CA LYS B 340 5.39 -3.48 17.25
C LYS B 340 6.73 -3.91 17.84
N GLU B 341 7.79 -3.83 17.04
CA GLU B 341 9.08 -4.32 17.51
C GLU B 341 9.59 -3.53 18.70
N LEU B 342 9.30 -2.23 18.75
CA LEU B 342 9.75 -1.39 19.85
C LEU B 342 8.76 -1.38 21.02
N GLY B 343 7.72 -2.22 20.97
CA GLY B 343 6.80 -2.35 22.08
C GLY B 343 5.95 -1.12 22.35
N VAL B 344 5.67 -0.32 21.32
CA VAL B 344 4.81 0.84 21.47
C VAL B 344 3.44 0.40 21.96
N GLU B 345 2.92 1.14 22.95
CA GLU B 345 1.57 0.89 23.43
C GLU B 345 0.58 1.14 22.29
N LYS B 346 -0.37 0.22 22.11
CA LYS B 346 -1.36 0.32 21.04
C LYS B 346 -0.68 0.48 19.68
N ALA B 347 0.32 -0.38 19.44
CA ALA B 347 1.13 -0.27 18.22
C ALA B 347 0.29 -0.37 16.95
N SER B 348 -0.79 -1.15 16.98
N SER B 348 -0.78 -1.16 16.99
CA SER B 348 -1.58 -1.32 15.77
CA SER B 348 -1.61 -1.34 15.80
C SER B 348 -2.21 -0.01 15.33
C SER B 348 -2.23 -0.03 15.34
N TRP B 349 -2.46 0.91 16.26
CA TRP B 349 -3.05 2.20 15.94
C TRP B 349 -2.05 3.19 15.33
N THR B 350 -0.84 2.72 15.04
CA THR B 350 0.01 3.38 14.04
C THR B 350 -0.69 3.45 12.69
N LEU B 351 -1.57 2.48 12.40
CA LEU B 351 -2.33 2.37 11.17
C LEU B 351 -3.75 2.93 11.36
N PRO B 352 -4.44 3.23 10.26
CA PRO B 352 -5.83 3.69 10.37
C PRO B 352 -6.73 2.59 10.90
N ALA B 353 -7.87 3.01 11.46
CA ALA B 353 -8.81 2.12 12.12
C ALA B 353 -9.17 0.84 11.35
N PRO B 354 -9.43 0.87 10.04
CA PRO B 354 -9.84 -0.38 9.36
C PRO B 354 -8.79 -1.48 9.41
N TYR B 355 -7.54 -1.13 9.71
CA TYR B 355 -6.48 -2.11 9.98
C TYR B 355 -6.24 -2.25 11.48
N ALA B 356 -6.09 -1.11 12.17
CA ALA B 356 -5.67 -1.12 13.56
C ALA B 356 -6.60 -1.94 14.44
N HIS B 357 -7.91 -1.83 14.22
CA HIS B 357 -8.85 -2.53 15.08
C HIS B 357 -8.55 -4.03 15.09
N TRP B 358 -8.28 -4.59 13.91
CA TRP B 358 -8.15 -6.03 13.78
C TRP B 358 -6.79 -6.52 14.19
N LEU B 359 -5.75 -5.72 13.98
CA LEU B 359 -4.41 -6.14 14.33
C LEU B 359 -4.14 -6.01 15.82
N GLU B 360 -4.89 -5.15 16.50
CA GLU B 360 -4.85 -5.15 17.96
C GLU B 360 -5.36 -6.46 18.50
N ARG B 361 -6.40 -7.02 17.86
CA ARG B 361 -7.00 -8.27 18.29
C ARG B 361 -6.31 -9.50 17.72
N TYR B 362 -5.65 -9.38 16.57
CA TYR B 362 -4.66 -10.37 16.18
C TYR B 362 -3.66 -10.57 17.32
N ARG B 363 -3.38 -9.50 18.05
CA ARG B 363 -2.57 -9.55 19.26
C ARG B 363 -3.43 -9.80 20.50
N1 L9I C . -17.80 -11.12 7.16
C2 L9I C . -16.98 -9.74 8.89
O2 L9I C . -17.23 -8.69 8.33
C4 L9I C . -16.80 -12.33 9.03
C5 L9I C . -17.31 -13.96 10.64
C6 L9I C . -17.03 -13.60 12.09
C1 L9I C . -16.48 -9.78 10.29
C3 L9I C . -17.23 -11.09 8.26
O1 L9I C . -17.71 -12.81 9.95
O3 L9I C . -18.03 -12.35 6.59
O4 L9I C . -15.74 -12.86 8.90
N1 FMN D . -15.02 -12.59 5.53
C2 FMN D . -15.95 -12.53 4.53
O2 FMN D . -16.40 -13.57 4.05
N3 FMN D . -16.43 -11.30 4.09
C4 FMN D . -15.99 -10.13 4.63
O4 FMN D . -16.37 -9.04 4.18
C4A FMN D . -15.04 -10.18 5.63
N5 FMN D . -14.60 -9.02 6.22
C5A FMN D . -13.52 -9.09 7.07
C6 FMN D . -12.94 -7.90 7.49
C7 FMN D . -11.83 -7.93 8.30
C7M FMN D . -11.21 -6.63 8.69
C8 FMN D . -11.28 -9.15 8.71
C8M FMN D . -10.08 -9.18 9.59
C9 FMN D . -11.89 -10.32 8.30
C9A FMN D . -13.00 -10.31 7.46
N10 FMN D . -13.60 -11.48 7.04
C10 FMN D . -14.56 -11.41 6.06
C1' FMN D . -13.05 -12.82 7.42
C2' FMN D . -11.79 -12.95 6.51
O2' FMN D . -12.02 -13.09 5.11
C3' FMN D . -10.84 -14.09 6.90
O3' FMN D . -11.56 -15.32 6.83
C4' FMN D . -10.22 -13.90 8.28
O4' FMN D . -9.52 -12.66 8.32
C5' FMN D . -9.29 -15.07 8.63
O5' FMN D . -8.15 -15.16 7.79
P FMN D . -6.72 -14.67 8.34
O1P FMN D . -6.90 -13.21 8.73
O2P FMN D . -5.75 -14.82 7.21
O3P FMN D . -6.33 -15.55 9.52
N1 L9I E . -11.38 -11.89 11.37
N1 L9I E . -11.32 -11.98 11.16
C2 L9I E . -13.42 -11.45 12.57
C2 L9I E . -13.27 -11.48 12.47
O2 L9I E . -13.99 -11.09 11.59
O2 L9I E . -13.91 -11.18 11.52
C4 L9I E . -11.12 -12.08 13.74
C4 L9I E . -10.81 -11.81 13.49
C5 L9I E . -10.80 -10.95 15.77
C5 L9I E . -10.15 -14.03 13.88
C6 L9I E . -11.30 -9.55 16.11
C6 L9I E . -9.89 -15.01 15.02
C1 L9I E . -14.16 -11.54 13.90
C1 L9I E . -13.93 -11.57 13.85
C3 L9I E . -11.95 -11.81 12.48
C3 L9I E . -11.77 -11.77 12.30
O1 L9I E . -10.51 -11.02 14.41
O1 L9I E . -10.81 -12.90 14.37
O3 L9I E . -10.03 -12.22 11.32
O3 L9I E . -9.95 -12.24 11.04
O4 L9I E . -11.02 -13.18 14.15
O4 L9I E . -10.05 -10.92 13.64
N1 L9I F . -0.13 -0.35 -11.81
C2 L9I F . 0.97 1.12 -13.34
O2 L9I F . 0.54 2.15 -12.91
C4 L9I F . 2.00 -1.19 -12.42
C5 L9I F . 4.09 -2.07 -12.95
C6 L9I F . 5.25 -1.87 -13.92
C1 L9I F . 1.60 1.09 -14.73
C3 L9I F . 0.88 -0.14 -12.49
O1 L9I F . 3.27 -0.94 -12.94
O3 L9I F . -0.16 -1.52 -11.05
O4 L9I F . 1.78 -2.23 -11.91
N1 FMN G . 17.58 9.92 -2.72
C2 FMN G . 17.23 11.22 -3.06
O2 FMN G . 17.77 12.18 -2.48
N3 FMN G . 16.32 11.47 -4.07
C4 FMN G . 15.72 10.44 -4.77
O4 FMN G . 14.84 10.66 -5.62
C4A FMN G . 16.06 9.15 -4.44
N5 FMN G . 15.51 8.11 -5.13
C5A FMN G . 15.73 6.82 -4.69
C6 FMN G . 14.99 5.80 -5.28
C7 FMN G . 15.12 4.51 -4.79
C7M FMN G . 14.30 3.43 -5.42
C8 FMN G . 16.00 4.23 -3.75
C8M FMN G . 16.13 2.82 -3.23
C9 FMN G . 16.73 5.26 -3.17
C9A FMN G . 16.58 6.57 -3.64
N10 FMN G . 17.30 7.61 -3.07
C10 FMN G . 16.98 8.90 -3.41
C1' FMN G . 18.23 7.36 -1.92
C2' FMN G . 17.24 7.19 -0.71
O2' FMN G . 16.50 8.35 -0.34
C3' FMN G . 17.90 6.65 0.57
O3' FMN G . 18.94 7.53 0.95
C4' FMN G . 18.42 5.22 0.38
O4' FMN G . 17.36 4.37 -0.04
C5' FMN G . 19.08 4.70 1.65
O5' FMN G . 18.16 4.54 2.72
P FMN G . 17.66 3.08 3.14
O1P FMN G . 16.65 3.28 4.23
O2P FMN G . 18.86 2.27 3.60
O3P FMN G . 17.03 2.51 1.89
N1 L9I H . 18.85 10.19 -6.09
N1 L9I H . 18.61 10.08 -6.09
C2 L9I H . 18.91 8.01 -7.05
C2 L9I H . 18.56 7.84 -6.95
O2 L9I H . 19.53 6.99 -7.16
O2 L9I H . 19.02 6.75 -6.87
C4 L9I H . 20.54 8.69 -5.17
C4 L9I H . 20.31 8.56 -5.20
C5 L9I H . 22.84 8.41 -4.88
C5 L9I H . 22.62 8.16 -5.09
C6 L9I H . 23.04 6.94 -5.24
C6 L9I H . 23.83 8.20 -6.01
C1 L9I H . 17.67 8.30 -7.87
C1 L9I H . 17.44 8.21 -7.91
C3 L9I H . 19.39 9.06 -6.08
C3 L9I H . 19.11 8.93 -6.06
O1 L9I H . 21.80 8.93 -5.68
O1 L9I H . 21.54 8.72 -5.79
O3 L9I H . 19.32 11.15 -5.19
O3 L9I H . 19.17 11.06 -5.27
O4 L9I H . 20.37 8.22 -4.09
O4 L9I H . 20.20 8.13 -4.10
N1 L9I I . 19.42 3.35 -2.88
N1 L9I I . 19.53 3.30 -2.48
C2 L9I I . 20.81 3.70 -4.82
C2 L9I I . 20.66 3.65 -4.57
O2 L9I I . 20.16 4.62 -5.21
O2 L9I I . 20.07 4.64 -4.80
C4 L9I I . 20.92 1.53 -3.27
C4 L9I I . 20.99 1.49 -3.04
C5 L9I I . 22.51 0.57 -1.80
C5 L9I I . 21.62 -0.33 -4.37
C6 L9I I . 22.56 1.40 -0.52
C6 L9I I . 21.11 -0.98 -5.64
C1 L9I I . 22.12 3.33 -5.52
C1 L9I I . 21.75 3.15 -5.54
C3 L9I I . 20.33 2.89 -3.61
C3 L9I I . 20.35 2.85 -3.32
O1 L9I I . 22.27 1.42 -2.90
O1 L9I I . 20.58 0.37 -3.77
O3 L9I I . 19.00 2.61 -1.78
O3 L9I I . 19.25 2.55 -1.33
O4 L9I I . 20.23 0.57 -3.31
O4 L9I I . 21.83 1.39 -2.22
N1 L9I J . -7.23 8.19 3.95
C2 L9I J . -9.55 8.34 3.29
O2 L9I J . -10.54 7.72 3.46
C4 L9I J . -8.78 7.97 5.77
C5 L9I J . -8.05 7.63 7.99
C6 L9I J . -9.09 6.69 8.61
C1 L9I J . -9.40 9.26 2.07
C3 L9I J . -8.42 8.17 4.30
O1 L9I J . -7.88 7.33 6.64
O3 L9I J . -6.26 8.02 4.94
O4 L9I J . -9.83 8.35 6.16
#